data_9DCZ
#
_entry.id   9DCZ
#
_cell.length_a   80.710
_cell.length_b   80.710
_cell.length_c   546.856
_cell.angle_alpha   90.000
_cell.angle_beta   90.000
_cell.angle_gamma   120.000
#
_symmetry.space_group_name_H-M   'P 61 2 2'
#
loop_
_entity.id
_entity.type
_entity.pdbx_description
1 polymer 'Designed allosteric facilitated dissociation switch AS1 H'
2 polymer 'Designed allosteric facilitated dissociation switch AS1 T'
3 non-polymer (4S)-2-METHYL-2,4-PENTANEDIOL
4 water water
#
loop_
_entity_poly.entity_id
_entity_poly.type
_entity_poly.pdbx_seq_one_letter_code
_entity_poly.pdbx_strand_id
1 'polypeptide(L)'
;MSGSM(MLY)EEI(MLY)RLAEEL(MLY)E(MLY)T(MLY)NEEI(MLY)RLAEEAAELAERSDDPEVLEVV(MLY)
(MLY)ALEEAL(MLY)S(MLY)NEE(MLY)IELLLLVAVLVAEAGSVDAVEE(MLY)LEIALLAL(MLY)LAEES(MLY)
DPRIIRGALRAAIAALRSDDPLAL(MLY)TV(MLY)EALERARAS(MLY)DERLIRAILAAAYAFALLAVAGASAERL
(MLY)EAEAIV(MLY)ELIAAAE(MLY)GASPQELVLLVIEMMV(MLY)GMGVTMETHRSGNEV(MLY)VVI(MLY)GLH
ESQQEVLLEAVLFAAELMGVRVRIRF(MLY)GDTVTIVVREGSG
;
A,C
2 'polypeptide(L)'
;MSGEEAVRRRFEELLREALAFRERTGGRRETLEHAVRLARELAEFAASHPEFNRQEAVLLAIELMVRAMGVTMETHRSGN
EV(MLY)VVI(MLY)GLNIDEQVALYRAVRETS(MLY)IMGVETEIEVEGDTQTIVVREGSG
;
B,D
#
loop_
_chem_comp.id
_chem_comp.type
_chem_comp.name
_chem_comp.formula
MPD non-polymer (4S)-2-METHYL-2,4-PENTANEDIOL 'C6 H14 O2'
#
# COMPACT_ATOMS: atom_id res chain seq x y z
N MLY A 6 -11.91 9.21 20.71
CA MLY A 6 -10.99 9.07 21.83
CB MLY A 6 -11.74 9.16 23.16
CG MLY A 6 -11.14 10.12 24.17
CD MLY A 6 -11.72 9.98 25.57
CE MLY A 6 -11.96 8.52 25.92
NZ MLY A 6 -12.88 8.29 27.04
CH1 MLY A 6 -12.16 7.99 28.25
CH2 MLY A 6 -13.83 9.36 27.25
C MLY A 6 -10.22 7.76 21.75
O MLY A 6 -10.20 7.11 20.70
N GLU A 7 -9.60 7.36 22.85
CA GLU A 7 -8.86 6.10 22.90
C GLU A 7 -9.80 4.93 23.17
N GLU A 8 -11.11 5.21 23.13
CA GLU A 8 -12.09 4.13 23.12
C GLU A 8 -11.90 3.21 21.91
N ILE A 9 -11.23 3.71 20.87
CA ILE A 9 -10.82 2.92 19.72
C ILE A 9 -10.08 1.67 20.17
N MLY A 10 -9.12 1.86 21.08
CA MLY A 10 -8.32 0.77 21.60
CB MLY A 10 -7.31 1.29 22.62
CG MLY A 10 -5.99 0.52 22.64
CD MLY A 10 -5.85 -0.42 23.83
CE MLY A 10 -5.45 0.31 25.10
NZ MLY A 10 -4.53 -0.41 25.95
CH1 MLY A 10 -5.20 -1.46 26.69
CH2 MLY A 10 -3.41 -0.96 25.22
C MLY A 10 -9.21 -0.30 22.23
O MLY A 10 -8.97 -1.49 22.06
N ARG A 11 -10.24 0.15 22.97
CA ARG A 11 -11.19 -0.76 23.59
C ARG A 11 -12.04 -1.47 22.55
N LEU A 12 -12.55 -0.72 21.57
CA LEU A 12 -13.35 -1.35 20.52
C LEU A 12 -12.51 -2.30 19.69
N ALA A 13 -11.22 -2.00 19.51
CA ALA A 13 -10.36 -2.87 18.71
C ALA A 13 -10.10 -4.19 19.43
N GLU A 14 -9.64 -4.12 20.68
CA GLU A 14 -9.42 -5.35 21.43
C GLU A 14 -10.69 -6.20 21.46
N GLU A 15 -11.84 -5.57 21.78
CA GLU A 15 -13.10 -6.30 21.88
C GLU A 15 -13.34 -7.16 20.65
N LEU A 16 -12.99 -6.66 19.47
CA LEU A 16 -13.09 -7.46 18.25
C LEU A 16 -11.96 -8.47 18.21
N MLY A 17 -10.79 -8.08 18.69
CA MLY A 17 -9.60 -8.93 18.70
CB MLY A 17 -8.36 -8.12 19.09
CG MLY A 17 -7.03 -8.62 18.54
CD MLY A 17 -6.27 -9.55 19.49
CE MLY A 17 -5.52 -8.77 20.56
NZ MLY A 17 -4.95 -9.60 21.61
CH1 MLY A 17 -4.00 -10.55 21.08
CH2 MLY A 17 -4.35 -8.83 22.67
C MLY A 17 -9.75 -10.14 19.64
O MLY A 17 -9.18 -11.20 19.39
N GLU A 18 -10.51 -9.99 20.72
CA GLU A 18 -10.76 -11.12 21.62
C GLU A 18 -12.00 -11.90 21.18
N MLY A 19 -12.69 -11.40 20.16
CA MLY A 19 -13.94 -12.00 19.71
CB MLY A 19 -15.04 -10.95 19.61
CG MLY A 19 -16.43 -11.46 19.21
CD MLY A 19 -16.88 -10.99 17.84
CE MLY A 19 -18.27 -10.37 17.88
NZ MLY A 19 -18.91 -10.22 16.59
CH1 MLY A 19 -18.26 -9.18 15.80
CH2 MLY A 19 -20.34 -9.97 16.69
C MLY A 19 -13.77 -12.70 18.36
O MLY A 19 -14.49 -13.64 18.04
N THR A 20 -12.80 -12.22 17.58
CA THR A 20 -12.59 -12.72 16.22
C THR A 20 -12.19 -14.19 16.17
N MLY A 21 -12.48 -14.81 15.03
CA MLY A 21 -12.00 -16.15 14.73
CB MLY A 21 -13.15 -17.15 14.69
CG MLY A 21 -13.56 -17.67 16.07
CD MLY A 21 -14.75 -18.62 16.05
CE MLY A 21 -14.96 -19.30 17.40
NZ MLY A 21 -16.14 -18.86 18.13
CH1 MLY A 21 -15.89 -17.64 18.86
CH2 MLY A 21 -16.66 -19.88 19.01
C MLY A 21 -11.27 -16.10 13.40
O MLY A 21 -10.73 -17.10 12.92
N ASN A 22 -11.26 -14.91 12.80
CA ASN A 22 -10.53 -14.66 11.57
C ASN A 22 -9.19 -13.99 11.90
N GLU A 23 -8.10 -14.58 11.43
CA GLU A 23 -6.77 -14.09 11.79
C GLU A 23 -6.51 -12.72 11.16
N GLU A 24 -6.92 -12.52 9.91
CA GLU A 24 -6.65 -11.25 9.24
C GLU A 24 -7.48 -10.13 9.84
N ILE A 25 -8.74 -10.41 10.18
CA ILE A 25 -9.59 -9.44 10.86
C ILE A 25 -8.94 -9.01 12.17
N MLY A 26 -8.31 -9.96 12.84
CA MLY A 26 -7.60 -9.70 14.08
CB MLY A 26 -7.13 -11.02 14.71
CG MLY A 26 -5.98 -10.93 15.71
CD MLY A 26 -5.89 -12.12 16.65
CE MLY A 26 -6.04 -13.45 15.91
NZ MLY A 26 -5.96 -14.62 16.77
CH1 MLY A 26 -4.59 -14.90 17.14
CH2 MLY A 26 -6.57 -15.79 16.17
C MLY A 26 -6.41 -8.77 13.83
O MLY A 26 -6.08 -7.92 14.65
N ARG A 27 -5.77 -8.93 12.67
CA ARG A 27 -4.62 -8.11 12.31
C ARG A 27 -5.04 -6.68 11.98
N LEU A 28 -6.11 -6.55 11.19
CA LEU A 28 -6.57 -5.23 10.78
C LEU A 28 -7.07 -4.43 11.98
N ALA A 29 -7.77 -5.08 12.91
CA ALA A 29 -8.23 -4.39 14.11
C ALA A 29 -7.06 -3.86 14.93
N GLU A 30 -5.99 -4.65 15.04
CA GLU A 30 -4.79 -4.17 15.71
C GLU A 30 -4.11 -3.07 14.91
N GLU A 31 -4.13 -3.19 13.58
CA GLU A 31 -3.50 -2.19 12.72
C GLU A 31 -4.30 -0.89 12.73
N ALA A 32 -5.63 -0.97 12.75
CA ALA A 32 -6.45 0.24 12.74
C ALA A 32 -6.31 1.02 14.04
N ALA A 33 -6.22 0.31 15.17
CA ALA A 33 -6.03 1.00 16.44
C ALA A 33 -4.60 1.49 16.61
N GLU A 34 -3.64 0.78 16.02
CA GLU A 34 -2.24 1.15 16.07
C GLU A 34 -1.88 2.27 15.10
N LEU A 35 -2.78 2.64 14.20
CA LEU A 35 -2.55 3.83 13.39
C LEU A 35 -3.37 5.02 13.84
N ALA A 36 -4.46 4.79 14.57
CA ALA A 36 -5.33 5.88 14.98
C ALA A 36 -4.79 6.68 16.17
N GLU A 37 -4.02 6.09 17.09
CA GLU A 37 -3.58 6.90 18.23
C GLU A 37 -2.47 7.89 17.84
N ARG A 38 -1.90 7.75 16.65
CA ARG A 38 -0.95 8.75 16.15
C ARG A 38 -1.64 9.86 15.36
N SER A 39 -2.92 10.10 15.59
CA SER A 39 -3.67 11.12 14.87
C SER A 39 -4.49 11.94 15.85
N ASP A 40 -4.56 13.24 15.57
CA ASP A 40 -5.38 14.16 16.35
C ASP A 40 -6.53 14.74 15.53
N ASP A 41 -6.71 14.25 14.30
CA ASP A 41 -7.82 14.69 13.47
C ASP A 41 -9.12 14.14 14.03
N PRO A 42 -10.14 14.99 14.26
CA PRO A 42 -11.40 14.46 14.79
C PRO A 42 -12.11 13.51 13.84
N GLU A 43 -12.05 13.77 12.53
CA GLU A 43 -12.70 12.88 11.56
C GLU A 43 -12.14 11.48 11.63
N VAL A 44 -10.80 11.36 11.65
CA VAL A 44 -10.17 10.04 11.64
C VAL A 44 -10.57 9.25 12.87
N LEU A 45 -10.54 9.88 14.05
CA LEU A 45 -10.91 9.18 15.27
C LEU A 45 -12.39 8.80 15.29
N GLU A 46 -13.24 9.56 14.59
CA GLU A 46 -14.66 9.24 14.55
C GLU A 46 -14.98 8.20 13.48
N VAL A 47 -14.28 8.25 12.34
CA VAL A 47 -14.52 7.28 11.28
C VAL A 47 -14.09 5.89 11.73
N VAL A 48 -12.95 5.78 12.40
CA VAL A 48 -12.48 4.50 12.90
C VAL A 48 -13.39 3.99 14.03
N MLY A 49 -13.93 4.93 14.81
CA MLY A 49 -14.84 4.57 15.90
CB MLY A 49 -15.16 5.80 16.75
CG MLY A 49 -15.43 5.49 18.22
CD MLY A 49 -15.79 6.71 19.05
CE MLY A 49 -17.00 7.45 18.48
NZ MLY A 49 -18.26 6.72 18.60
CH1 MLY A 49 -18.91 7.01 19.85
CH2 MLY A 49 -19.15 6.96 17.48
C MLY A 49 -16.12 3.94 15.36
O MLY A 49 -16.59 2.93 15.87
N MLY A 50 -16.68 4.57 14.33
CA MLY A 50 -17.90 4.07 13.71
CB MLY A 50 -18.44 5.09 12.70
CG MLY A 50 -19.97 5.14 12.63
CD MLY A 50 -20.66 4.92 13.97
CE MLY A 50 -22.12 5.36 13.94
NZ MLY A 50 -23.02 4.40 13.33
CH1 MLY A 50 -24.11 4.09 14.23
CH2 MLY A 50 -23.56 4.87 12.06
C MLY A 50 -17.64 2.74 13.02
O MLY A 50 -18.47 1.83 13.09
N ALA A 51 -16.49 2.61 12.37
CA ALA A 51 -16.14 1.40 11.65
C ALA A 51 -15.96 0.22 12.59
N LEU A 52 -15.21 0.42 13.68
CA LEU A 52 -15.01 -0.64 14.65
C LEU A 52 -16.31 -0.96 15.40
N GLU A 53 -17.18 0.03 15.58
CA GLU A 53 -18.44 -0.22 16.26
C GLU A 53 -19.37 -1.07 15.40
N GLU A 54 -19.51 -0.73 14.12
CA GLU A 54 -20.38 -1.49 13.23
C GLU A 54 -19.87 -2.93 13.08
N ALA A 55 -18.57 -3.10 12.87
CA ALA A 55 -18.00 -4.43 12.70
C ALA A 55 -18.06 -5.25 13.98
N LEU A 56 -18.19 -4.60 15.13
CA LEU A 56 -18.34 -5.32 16.40
C LEU A 56 -19.76 -5.85 16.52
N MLY A 57 -20.68 -5.27 15.76
CA MLY A 57 -22.08 -5.64 15.80
CB MLY A 57 -22.95 -4.41 16.08
CG MLY A 57 -23.70 -4.45 17.42
CD MLY A 57 -24.11 -3.06 17.92
CE MLY A 57 -22.89 -2.21 18.27
NZ MLY A 57 -22.16 -2.65 19.44
CH1 MLY A 57 -20.85 -2.02 19.49
CH2 MLY A 57 -22.88 -2.41 20.67
C MLY A 57 -22.53 -6.32 14.52
O MLY A 57 -23.70 -6.25 14.14
N SER A 58 -21.60 -6.98 13.84
CA SER A 58 -21.91 -7.67 12.60
C SER A 58 -21.45 -9.13 12.66
N MLY A 59 -22.23 -10.02 12.05
CA MLY A 59 -21.88 -11.43 12.00
CB MLY A 59 -23.04 -12.29 12.51
CG MLY A 59 -23.96 -11.59 13.50
CD MLY A 59 -25.33 -11.24 12.92
CE MLY A 59 -26.45 -11.49 13.94
NZ MLY A 59 -27.76 -11.63 13.35
CH1 MLY A 59 -28.76 -11.84 14.37
CH2 MLY A 59 -27.82 -12.70 12.36
C MLY A 59 -21.51 -11.85 10.58
O MLY A 59 -21.26 -13.03 10.31
N ASN A 60 -21.47 -10.88 9.67
CA ASN A 60 -21.09 -11.13 8.28
C ASN A 60 -19.64 -10.76 8.05
N GLU A 61 -18.80 -11.77 7.78
CA GLU A 61 -17.37 -11.55 7.62
C GLU A 61 -17.04 -10.59 6.48
N GLU A 62 -17.94 -10.43 5.52
CA GLU A 62 -17.72 -9.51 4.41
C GLU A 62 -17.83 -8.07 4.90
N MLY A 63 -18.80 -7.82 5.77
CA MLY A 63 -18.99 -6.49 6.36
CB MLY A 63 -20.31 -6.43 7.12
CG MLY A 63 -21.56 -6.44 6.24
CD MLY A 63 -22.87 -6.46 7.03
CE MLY A 63 -23.99 -7.15 6.25
NZ MLY A 63 -25.33 -6.85 6.74
CH1 MLY A 63 -25.68 -5.47 6.46
CH2 MLY A 63 -26.34 -7.75 6.20
C MLY A 63 -17.84 -6.14 7.29
O MLY A 63 -17.31 -5.03 7.24
N ILE A 64 -17.46 -7.09 8.14
CA ILE A 64 -16.39 -6.89 9.11
C ILE A 64 -15.08 -6.55 8.41
N GLU A 65 -14.77 -7.32 7.35
CA GLU A 65 -13.53 -7.08 6.62
C GLU A 65 -13.55 -5.72 5.93
N LEU A 66 -14.67 -5.37 5.29
CA LEU A 66 -14.76 -4.08 4.61
C LEU A 66 -14.72 -2.92 5.60
N LEU A 67 -15.38 -3.08 6.75
CA LEU A 67 -15.35 -2.03 7.77
C LEU A 67 -13.94 -1.85 8.32
N LEU A 68 -13.25 -2.95 8.63
CA LEU A 68 -11.88 -2.84 9.12
C LEU A 68 -10.94 -2.31 8.03
N LEU A 69 -11.18 -2.71 6.78
CA LEU A 69 -10.37 -2.18 5.68
C LEU A 69 -10.56 -0.68 5.51
N VAL A 70 -11.75 -0.18 5.84
CA VAL A 70 -11.96 1.26 5.87
C VAL A 70 -11.13 1.88 6.99
N ALA A 71 -11.31 1.39 8.22
CA ALA A 71 -10.64 2.00 9.38
C ALA A 71 -9.13 2.03 9.21
N VAL A 72 -8.55 1.01 8.55
CA VAL A 72 -7.12 1.04 8.29
C VAL A 72 -6.80 2.04 7.19
N LEU A 73 -7.67 2.17 6.20
CA LEU A 73 -7.42 3.08 5.09
C LEU A 73 -7.52 4.54 5.52
N VAL A 74 -8.37 4.84 6.50
CA VAL A 74 -8.48 6.22 6.98
C VAL A 74 -7.42 6.53 8.04
N ALA A 75 -7.03 5.54 8.85
CA ALA A 75 -6.06 5.81 9.92
C ALA A 75 -4.66 6.00 9.37
N GLU A 76 -4.30 5.27 8.31
CA GLU A 76 -2.96 5.42 7.74
C GLU A 76 -2.82 6.75 7.02
N ALA A 77 -3.82 7.16 6.24
CA ALA A 77 -3.72 8.39 5.46
C ALA A 77 -3.67 9.63 6.35
N GLY A 78 -4.30 9.58 7.53
CA GLY A 78 -4.31 10.72 8.42
C GLY A 78 -5.35 11.75 8.04
N SER A 79 -5.66 11.84 6.75
CA SER A 79 -6.68 12.72 6.23
C SER A 79 -7.78 11.89 5.60
N VAL A 80 -9.04 12.21 5.94
CA VAL A 80 -10.16 11.55 5.27
C VAL A 80 -10.22 11.98 3.81
N ASP A 81 -9.83 13.21 3.51
CA ASP A 81 -9.83 13.71 2.15
C ASP A 81 -8.84 12.99 1.25
N ALA A 82 -7.78 12.40 1.82
CA ALA A 82 -6.79 11.70 1.04
C ALA A 82 -7.26 10.33 0.54
N VAL A 83 -8.36 9.81 1.09
CA VAL A 83 -8.93 8.54 0.66
C VAL A 83 -10.44 8.70 0.51
N GLU A 84 -10.90 9.94 0.32
CA GLU A 84 -12.33 10.18 0.27
C GLU A 84 -12.99 9.49 -0.93
N GLU A 85 -12.23 9.27 -2.00
CA GLU A 85 -12.73 8.51 -3.13
C GLU A 85 -12.97 7.06 -2.72
N MLY A 86 -11.92 6.42 -2.21
CA MLY A 86 -11.98 5.03 -1.78
CB MLY A 86 -10.60 4.57 -1.30
CG MLY A 86 -9.43 5.15 -2.10
CD MLY A 86 -8.07 4.55 -1.75
CE MLY A 86 -7.01 4.91 -2.78
NZ MLY A 86 -6.35 6.19 -2.54
CH1 MLY A 86 -5.39 6.08 -1.47
CH2 MLY A 86 -5.73 6.72 -3.73
C MLY A 86 -13.01 4.84 -0.68
O MLY A 86 -13.63 3.78 -0.58
N LEU A 87 -13.20 5.87 0.14
CA LEU A 87 -14.18 5.83 1.22
C LEU A 87 -15.59 5.73 0.66
N GLU A 88 -15.83 6.41 -0.47
CA GLU A 88 -17.17 6.41 -1.06
C GLU A 88 -17.55 5.02 -1.56
N ILE A 89 -16.63 4.33 -2.23
CA ILE A 89 -16.95 3.01 -2.79
C ILE A 89 -17.32 2.04 -1.69
N ALA A 90 -16.66 2.16 -0.53
CA ALA A 90 -16.96 1.26 0.58
C ALA A 90 -18.29 1.61 1.23
N LEU A 91 -18.59 2.91 1.36
CA LEU A 91 -19.86 3.32 1.95
C LEU A 91 -21.04 3.08 1.02
N LEU A 92 -20.79 2.91 -0.28
CA LEU A 92 -21.86 2.58 -1.21
C LEU A 92 -22.21 1.09 -1.14
N ALA A 93 -21.20 0.23 -1.04
CA ALA A 93 -21.47 -1.20 -0.94
C ALA A 93 -22.16 -1.55 0.37
N LEU A 94 -21.79 -0.89 1.45
CA LEU A 94 -22.43 -1.11 2.75
C LEU A 94 -23.90 -0.71 2.72
N MLY A 95 -24.19 0.37 2.01
CA MLY A 95 -25.57 0.84 1.87
CB MLY A 95 -25.61 2.24 1.26
CG MLY A 95 -25.21 3.33 2.24
CD MLY A 95 -25.85 4.68 1.97
CE MLY A 95 -24.92 5.64 1.25
NZ MLY A 95 -25.49 6.95 1.02
CH1 MLY A 95 -25.84 7.59 2.27
CH2 MLY A 95 -24.64 7.81 0.23
C MLY A 95 -26.38 -0.15 1.02
O MLY A 95 -27.48 -0.53 1.38
N LEU A 96 -25.79 -0.56 -0.11
CA LEU A 96 -26.43 -1.52 -0.99
C LEU A 96 -26.63 -2.86 -0.29
N ALA A 97 -25.68 -3.22 0.58
CA ALA A 97 -25.77 -4.48 1.32
C ALA A 97 -26.99 -4.48 2.24
N GLU A 98 -27.28 -3.33 2.86
CA GLU A 98 -28.46 -3.21 3.71
C GLU A 98 -29.75 -3.10 2.90
N GLU A 99 -29.66 -2.65 1.65
CA GLU A 99 -30.87 -2.41 0.86
C GLU A 99 -31.42 -3.70 0.24
N SER A 100 -30.57 -4.65 -0.11
CA SER A 100 -31.02 -5.86 -0.79
C SER A 100 -31.31 -7.01 0.17
N MLY A 101 -32.10 -7.96 -0.29
CA MLY A 101 -32.47 -9.13 0.50
CB MLY A 101 -33.98 -9.23 0.66
CG MLY A 101 -34.46 -9.57 2.07
CD MLY A 101 -35.71 -8.83 2.51
CE MLY A 101 -35.56 -7.31 2.42
NZ MLY A 101 -35.17 -6.63 3.64
CH1 MLY A 101 -35.81 -7.20 4.80
CH2 MLY A 101 -33.73 -6.53 3.82
C MLY A 101 -31.91 -10.39 -0.15
O MLY A 101 -32.06 -11.49 0.38
N ASP A 102 -31.26 -10.22 -1.30
CA ASP A 102 -30.64 -11.33 -2.01
C ASP A 102 -29.22 -11.53 -1.49
N PRO A 103 -28.96 -12.67 -0.86
CA PRO A 103 -27.62 -12.91 -0.29
C PRO A 103 -26.52 -12.89 -1.33
N ARG A 104 -26.82 -13.25 -2.58
CA ARG A 104 -25.80 -13.17 -3.63
C ARG A 104 -25.47 -11.73 -3.98
N ILE A 105 -26.45 -10.82 -3.89
CA ILE A 105 -26.19 -9.42 -4.15
C ILE A 105 -25.37 -8.80 -3.02
N ILE A 106 -25.72 -9.13 -1.77
CA ILE A 106 -24.98 -8.60 -0.62
C ILE A 106 -23.53 -9.06 -0.67
N ARG A 107 -23.32 -10.35 -0.95
CA ARG A 107 -21.96 -10.87 -1.05
C ARG A 107 -21.24 -10.27 -2.24
N GLY A 108 -21.95 -10.05 -3.34
CA GLY A 108 -21.30 -9.52 -4.53
C GLY A 108 -20.90 -8.06 -4.39
N ALA A 109 -21.69 -7.27 -3.67
CA ALA A 109 -21.38 -5.86 -3.50
C ALA A 109 -20.21 -5.65 -2.56
N LEU A 110 -20.18 -6.40 -1.45
CA LEU A 110 -19.10 -6.24 -0.49
C LEU A 110 -17.78 -6.80 -1.02
N ARG A 111 -17.83 -7.97 -1.67
CA ARG A 111 -16.62 -8.55 -2.21
C ARG A 111 -16.01 -7.69 -3.31
N ALA A 112 -16.87 -7.08 -4.13
CA ALA A 112 -16.36 -6.21 -5.19
C ALA A 112 -15.73 -4.95 -4.61
N ALA A 113 -16.29 -4.43 -3.52
CA ALA A 113 -15.68 -3.26 -2.88
C ALA A 113 -14.36 -3.62 -2.21
N ILE A 114 -14.29 -4.80 -1.58
CA ILE A 114 -13.04 -5.24 -0.98
C ILE A 114 -11.97 -5.45 -2.05
N ALA A 115 -12.34 -6.15 -3.14
CA ALA A 115 -11.37 -6.40 -4.20
C ALA A 115 -10.92 -5.12 -4.87
N ALA A 116 -11.85 -4.16 -5.05
CA ALA A 116 -11.48 -2.89 -5.67
C ALA A 116 -10.58 -2.07 -4.76
N LEU A 117 -10.81 -2.11 -3.44
CA LEU A 117 -9.96 -1.36 -2.53
C LEU A 117 -8.61 -2.04 -2.36
N ARG A 118 -8.57 -3.37 -2.35
CA ARG A 118 -7.30 -4.08 -2.30
C ARG A 118 -6.49 -3.82 -3.56
N SER A 119 -7.14 -3.80 -4.71
CA SER A 119 -6.47 -3.37 -5.94
C SER A 119 -6.16 -1.89 -5.86
N ASP A 120 -5.01 -1.50 -6.40
CA ASP A 120 -4.54 -0.13 -6.34
C ASP A 120 -4.85 0.65 -7.60
N ASP A 121 -5.67 0.10 -8.49
CA ASP A 121 -5.92 0.73 -9.77
C ASP A 121 -7.08 1.70 -9.66
N PRO A 122 -6.91 2.96 -10.12
CA PRO A 122 -8.05 3.89 -10.11
C PRO A 122 -9.15 3.52 -11.09
N LEU A 123 -8.82 2.83 -12.19
CA LEU A 123 -9.86 2.41 -13.14
C LEU A 123 -10.81 1.40 -12.51
N ALA A 124 -10.29 0.53 -11.64
CA ALA A 124 -11.16 -0.41 -10.95
C ALA A 124 -12.01 0.31 -9.91
N LEU A 125 -11.43 1.26 -9.19
CA LEU A 125 -12.16 2.04 -8.20
C LEU A 125 -13.31 2.80 -8.85
N MLY A 126 -13.02 3.44 -9.98
CA MLY A 126 -14.04 4.19 -10.71
CB MLY A 126 -13.39 4.96 -11.87
CG MLY A 126 -14.27 5.16 -13.10
CD MLY A 126 -13.79 6.25 -14.04
CE MLY A 126 -14.83 6.62 -15.10
NZ MLY A 126 -14.57 7.87 -15.77
CH1 MLY A 126 -14.99 8.99 -14.95
CH2 MLY A 126 -15.17 7.95 -17.08
C MLY A 126 -15.14 3.27 -11.23
O MLY A 126 -16.33 3.60 -11.11
N THR A 127 -14.76 2.14 -11.79
CA THR A 127 -15.71 1.20 -12.37
C THR A 127 -16.66 0.64 -11.31
N VAL A 128 -16.11 0.16 -10.21
CA VAL A 128 -16.91 -0.43 -9.14
C VAL A 128 -17.82 0.63 -8.52
N MLY A 129 -17.31 1.85 -8.39
CA MLY A 129 -18.09 2.95 -7.83
CB MLY A 129 -17.25 4.23 -7.75
CG MLY A 129 -17.92 5.32 -6.91
CD MLY A 129 -17.48 6.74 -7.26
CE MLY A 129 -18.28 7.77 -6.47
NZ MLY A 129 -18.14 9.14 -6.93
CH1 MLY A 129 -18.28 9.24 -8.37
CH2 MLY A 129 -16.91 9.76 -6.49
C MLY A 129 -19.35 3.20 -8.65
O MLY A 129 -20.46 3.26 -8.12
N GLU A 130 -19.17 3.35 -9.97
CA GLU A 130 -20.27 3.65 -10.86
C GLU A 130 -21.16 2.43 -11.07
N ALA A 131 -20.57 1.24 -10.92
CA ALA A 131 -21.37 0.02 -10.98
C ALA A 131 -22.29 -0.09 -9.77
N LEU A 132 -21.80 0.33 -8.59
CA LEU A 132 -22.66 0.34 -7.41
C LEU A 132 -23.71 1.43 -7.48
N GLU A 133 -23.39 2.56 -8.10
CA GLU A 133 -24.36 3.64 -8.22
C GLU A 133 -25.51 3.26 -9.13
N ARG A 134 -25.21 2.58 -10.25
CA ARG A 134 -26.29 2.10 -11.11
C ARG A 134 -27.09 0.99 -10.46
N ALA A 135 -26.43 0.17 -9.63
CA ALA A 135 -27.15 -0.87 -8.90
C ALA A 135 -28.10 -0.26 -7.88
N ARG A 136 -27.64 0.73 -7.12
CA ARG A 136 -28.51 1.38 -6.15
C ARG A 136 -29.61 2.20 -6.81
N ALA A 137 -29.34 2.73 -8.01
CA ALA A 137 -30.36 3.51 -8.70
C ALA A 137 -31.49 2.62 -9.23
N SER A 138 -31.14 1.58 -9.97
CA SER A 138 -32.12 0.64 -10.48
C SER A 138 -32.63 -0.28 -9.37
N MLY A 139 -33.94 -0.43 -9.28
CA MLY A 139 -34.53 -1.32 -8.29
CB MLY A 139 -35.78 -0.70 -7.68
CG MLY A 139 -35.55 0.67 -7.04
CD MLY A 139 -34.34 0.72 -6.10
CE MLY A 139 -34.33 1.99 -5.25
NZ MLY A 139 -33.13 2.15 -4.45
CH1 MLY A 139 -33.13 3.44 -3.80
CH2 MLY A 139 -32.97 1.10 -3.47
C MLY A 139 -34.86 -2.68 -8.92
O MLY A 139 -35.75 -3.39 -8.47
N ASP A 140 -34.12 -3.02 -9.98
CA ASP A 140 -34.29 -4.29 -10.67
C ASP A 140 -33.20 -5.26 -10.26
N GLU A 141 -33.57 -6.31 -9.53
CA GLU A 141 -32.59 -7.26 -9.03
C GLU A 141 -31.90 -8.02 -10.17
N ARG A 142 -32.60 -8.27 -11.27
CA ARG A 142 -31.98 -8.93 -12.41
C ARG A 142 -30.86 -8.09 -12.98
N LEU A 143 -31.05 -6.77 -13.03
CA LEU A 143 -30.00 -5.88 -13.54
C LEU A 143 -28.88 -5.72 -12.52
N ILE A 144 -29.23 -5.63 -11.23
CA ILE A 144 -28.21 -5.46 -10.19
C ILE A 144 -27.25 -6.64 -10.17
N ARG A 145 -27.79 -7.86 -10.28
CA ARG A 145 -26.92 -9.03 -10.31
C ARG A 145 -26.00 -9.01 -11.52
N ALA A 146 -26.51 -8.58 -12.67
CA ALA A 146 -25.68 -8.50 -13.87
C ALA A 146 -24.57 -7.47 -13.70
N ILE A 147 -24.89 -6.32 -13.10
CA ILE A 147 -23.88 -5.28 -12.89
C ILE A 147 -22.80 -5.77 -11.94
N LEU A 148 -23.20 -6.47 -10.87
CA LEU A 148 -22.22 -6.94 -9.89
C LEU A 148 -21.36 -8.07 -10.46
N ALA A 149 -21.96 -8.94 -11.28
CA ALA A 149 -21.18 -10.00 -11.91
C ALA A 149 -20.06 -9.42 -12.78
N ALA A 150 -20.32 -8.28 -13.43
CA ALA A 150 -19.28 -7.63 -14.22
C ALA A 150 -18.27 -6.93 -13.32
N ALA A 151 -18.75 -6.16 -12.35
CA ALA A 151 -17.87 -5.34 -11.53
C ALA A 151 -16.96 -6.21 -10.66
N TYR A 152 -17.52 -7.20 -9.98
CA TYR A 152 -16.71 -8.06 -9.11
C TYR A 152 -15.69 -8.83 -9.93
N ALA A 153 -16.06 -9.25 -11.13
CA ALA A 153 -15.10 -9.91 -12.02
C ALA A 153 -13.99 -8.95 -12.42
N PHE A 154 -14.36 -7.76 -12.88
CA PHE A 154 -13.35 -6.77 -13.27
C PHE A 154 -12.44 -6.40 -12.11
N ALA A 155 -12.99 -6.38 -10.89
CA ALA A 155 -12.18 -6.09 -9.71
C ALA A 155 -11.16 -7.21 -9.48
N LEU A 156 -11.58 -8.46 -9.67
CA LEU A 156 -10.66 -9.58 -9.49
C LEU A 156 -9.48 -9.50 -10.45
N LEU A 157 -9.72 -9.01 -11.67
CA LEU A 157 -8.60 -8.78 -12.59
C LEU A 157 -7.64 -7.73 -12.03
N ALA A 158 -8.17 -6.63 -11.49
CA ALA A 158 -7.31 -5.57 -10.99
C ALA A 158 -6.54 -6.02 -9.76
N VAL A 159 -7.20 -6.72 -8.83
CA VAL A 159 -6.49 -7.21 -7.65
C VAL A 159 -5.48 -8.28 -8.03
N ALA A 160 -5.63 -8.91 -9.20
CA ALA A 160 -4.63 -9.83 -9.70
C ALA A 160 -3.43 -9.13 -10.32
N GLY A 161 -3.38 -7.80 -10.27
CA GLY A 161 -2.25 -7.07 -10.78
C GLY A 161 -2.18 -6.99 -12.29
N ALA A 162 -3.32 -7.04 -12.97
CA ALA A 162 -3.32 -6.96 -14.43
C ALA A 162 -2.88 -5.59 -14.90
N SER A 163 -2.34 -5.55 -16.11
CA SER A 163 -1.85 -4.29 -16.68
C SER A 163 -3.00 -3.31 -16.87
N ALA A 164 -2.68 -2.02 -16.71
CA ALA A 164 -3.68 -0.99 -16.97
C ALA A 164 -4.04 -0.93 -18.45
N GLU A 165 -3.13 -1.34 -19.32
CA GLU A 165 -3.45 -1.42 -20.74
C GLU A 165 -4.44 -2.55 -21.01
N ARG A 166 -4.40 -3.62 -20.22
CA ARG A 166 -5.33 -4.73 -20.37
C ARG A 166 -6.62 -4.55 -19.58
N LEU A 167 -6.62 -3.70 -18.55
CA LEU A 167 -7.84 -3.39 -17.84
C LEU A 167 -8.69 -2.44 -18.67
N MLY A 168 -8.04 -1.71 -19.58
CA MLY A 168 -8.73 -0.83 -20.51
CB MLY A 168 -7.73 0.00 -21.31
CG MLY A 168 -8.17 1.43 -21.63
CD MLY A 168 -7.49 2.01 -22.85
CE MLY A 168 -6.63 3.22 -22.52
NZ MLY A 168 -5.56 3.45 -23.47
CH1 MLY A 168 -5.30 4.87 -23.63
CH2 MLY A 168 -4.34 2.75 -23.11
C MLY A 168 -9.60 -1.65 -21.45
O MLY A 168 -10.76 -1.31 -21.70
N GLU A 169 -9.04 -2.73 -21.97
CA GLU A 169 -9.76 -3.62 -22.88
C GLU A 169 -10.80 -4.45 -22.12
N ALA A 170 -10.54 -4.66 -20.82
CA ALA A 170 -11.53 -5.34 -19.99
C ALA A 170 -12.71 -4.43 -19.68
N GLU A 171 -12.47 -3.14 -19.50
CA GLU A 171 -13.56 -2.21 -19.17
C GLU A 171 -14.52 -2.05 -20.34
N ALA A 172 -14.00 -2.09 -21.57
CA ALA A 172 -14.86 -2.02 -22.74
C ALA A 172 -15.84 -3.18 -22.77
N ILE A 173 -15.45 -4.33 -22.22
CA ILE A 173 -16.37 -5.47 -22.16
C ILE A 173 -17.30 -5.35 -20.96
N VAL A 174 -16.88 -4.64 -19.91
CA VAL A 174 -17.77 -4.36 -18.79
C VAL A 174 -18.91 -3.47 -19.25
N MLY A 175 -18.56 -2.44 -20.03
CA MLY A 175 -19.54 -1.53 -20.59
CB MLY A 175 -18.84 -0.39 -21.34
CG MLY A 175 -18.57 0.87 -20.54
CD MLY A 175 -18.36 2.10 -21.41
CE MLY A 175 -17.81 3.28 -20.64
NZ MLY A 175 -16.38 3.21 -20.36
CH1 MLY A 175 -15.90 4.45 -19.78
CH2 MLY A 175 -15.60 2.88 -21.55
C MLY A 175 -20.50 -2.26 -21.53
O MLY A 175 -21.71 -1.99 -21.54
N GLU A 176 -19.95 -3.19 -22.30
CA GLU A 176 -20.74 -3.98 -23.23
C GLU A 176 -21.68 -4.92 -22.49
N LEU A 177 -21.17 -5.51 -21.41
CA LEU A 177 -21.98 -6.45 -20.63
C LEU A 177 -23.17 -5.76 -19.99
N ILE A 178 -22.94 -4.58 -19.41
CA ILE A 178 -24.03 -3.82 -18.79
C ILE A 178 -25.03 -3.38 -19.86
N ALA A 179 -24.54 -2.88 -20.98
CA ALA A 179 -25.42 -2.46 -22.07
C ALA A 179 -26.26 -3.62 -22.58
N ALA A 180 -25.65 -4.80 -22.70
CA ALA A 180 -26.40 -5.97 -23.13
C ALA A 180 -27.42 -6.39 -22.08
N ALA A 181 -27.06 -6.29 -20.80
CA ALA A 181 -27.98 -6.70 -19.73
C ALA A 181 -29.20 -5.79 -19.68
N GLU A 182 -29.00 -4.50 -19.96
CA GLU A 182 -30.09 -3.53 -19.92
C GLU A 182 -31.00 -3.69 -21.14
N MLY A 183 -30.57 -4.49 -22.11
CA MLY A 183 -31.37 -4.78 -23.28
CB MLY A 183 -30.54 -4.67 -24.56
CG MLY A 183 -29.94 -3.29 -24.81
CD MLY A 183 -28.94 -3.28 -25.96
CE MLY A 183 -27.95 -2.12 -25.86
NZ MLY A 183 -27.26 -1.84 -27.10
CH1 MLY A 183 -28.16 -1.26 -28.07
CH2 MLY A 183 -26.61 -3.01 -27.65
C MLY A 183 -31.99 -6.17 -23.16
O MLY A 183 -32.49 -6.72 -24.14
N GLY A 184 -31.93 -6.74 -21.96
CA GLY A 184 -32.53 -8.03 -21.69
C GLY A 184 -31.79 -9.21 -22.30
N ALA A 185 -30.47 -9.20 -22.21
CA ALA A 185 -29.68 -10.34 -22.67
C ALA A 185 -29.84 -11.51 -21.71
N SER A 186 -29.85 -12.72 -22.27
CA SER A 186 -30.01 -13.91 -21.46
C SER A 186 -28.79 -14.09 -20.55
N PRO A 187 -28.98 -14.77 -19.40
CA PRO A 187 -27.84 -14.98 -18.50
C PRO A 187 -26.67 -15.70 -19.15
N GLN A 188 -26.94 -16.59 -20.10
CA GLN A 188 -25.85 -17.26 -20.81
C GLN A 188 -25.02 -16.27 -21.63
N GLU A 189 -25.68 -15.32 -22.28
CA GLU A 189 -24.95 -14.30 -23.03
C GLU A 189 -24.10 -13.44 -22.11
N LEU A 190 -24.59 -13.18 -20.89
CA LEU A 190 -23.83 -12.37 -19.95
C LEU A 190 -22.64 -13.14 -19.39
N VAL A 191 -22.82 -14.44 -19.13
CA VAL A 191 -21.72 -15.26 -18.64
C VAL A 191 -20.63 -15.37 -19.70
N LEU A 192 -21.02 -15.52 -20.96
CA LEU A 192 -20.05 -15.55 -22.06
C LEU A 192 -19.26 -14.24 -22.13
N LEU A 193 -19.90 -13.11 -21.81
CA LEU A 193 -19.21 -11.83 -21.87
C LEU A 193 -18.27 -11.64 -20.67
N VAL A 194 -18.60 -12.21 -19.52
CA VAL A 194 -17.67 -12.19 -18.38
C VAL A 194 -16.40 -12.95 -18.75
N ILE A 195 -16.56 -14.13 -19.34
CA ILE A 195 -15.40 -14.89 -19.82
C ILE A 195 -14.62 -14.08 -20.85
N GLU A 196 -15.33 -13.37 -21.73
CA GLU A 196 -14.67 -12.52 -22.71
C GLU A 196 -13.87 -11.42 -22.01
N MET A 197 -14.38 -10.91 -20.89
CA MET A 197 -13.65 -9.88 -20.15
C MET A 197 -12.38 -10.44 -19.52
N MET A 198 -12.47 -11.60 -18.89
CA MET A 198 -11.30 -12.22 -18.27
C MET A 198 -10.22 -12.50 -19.29
N VAL A 199 -10.61 -13.03 -20.45
CA VAL A 199 -9.66 -13.37 -21.49
C VAL A 199 -8.94 -12.14 -22.00
N MLY A 200 -9.68 -11.07 -22.24
CA MLY A 200 -9.10 -9.83 -22.73
CB MLY A 200 -10.19 -8.91 -23.30
CG MLY A 200 -9.72 -8.01 -24.44
CD MLY A 200 -10.38 -8.31 -25.78
CE MLY A 200 -10.32 -9.79 -26.13
NZ MLY A 200 -11.60 -10.47 -26.00
CH1 MLY A 200 -12.47 -10.14 -27.11
CH2 MLY A 200 -11.47 -11.91 -25.88
C MLY A 200 -8.32 -9.09 -21.64
O MLY A 200 -7.48 -8.24 -21.94
N GLY A 201 -8.59 -9.42 -20.38
CA GLY A 201 -7.90 -8.80 -19.27
C GLY A 201 -6.59 -9.51 -18.93
N MET A 202 -6.33 -10.60 -19.64
CA MET A 202 -5.12 -11.40 -19.42
C MET A 202 -4.24 -11.52 -20.65
N GLY A 203 -4.57 -10.86 -21.75
CA GLY A 203 -3.77 -10.97 -22.96
C GLY A 203 -3.80 -12.34 -23.59
N VAL A 204 -4.97 -12.97 -23.66
CA VAL A 204 -5.14 -14.33 -24.13
C VAL A 204 -6.22 -14.33 -25.21
N THR A 205 -6.27 -15.40 -25.99
CA THR A 205 -7.31 -15.62 -26.98
C THR A 205 -8.22 -16.75 -26.54
N MET A 206 -9.39 -16.83 -27.17
CA MET A 206 -10.36 -17.87 -26.87
C MET A 206 -11.02 -18.34 -28.18
N GLU A 207 -11.56 -19.55 -28.14
CA GLU A 207 -12.28 -20.14 -29.26
C GLU A 207 -13.64 -20.61 -28.79
N THR A 208 -14.69 -20.22 -29.50
CA THR A 208 -16.06 -20.56 -29.12
C THR A 208 -16.65 -21.55 -30.12
N HIS A 209 -17.41 -22.52 -29.60
CA HIS A 209 -18.10 -23.51 -30.39
C HIS A 209 -19.53 -23.61 -29.92
N ARG A 210 -20.46 -23.80 -30.85
CA ARG A 210 -21.90 -23.80 -30.55
C ARG A 210 -22.48 -25.17 -30.94
N SER A 211 -22.11 -26.20 -30.19
CA SER A 211 -22.63 -27.56 -30.42
C SER A 211 -23.98 -27.67 -29.72
N GLY A 212 -25.01 -27.13 -30.38
CA GLY A 212 -26.34 -27.14 -29.83
C GLY A 212 -26.68 -25.84 -29.11
N ASN A 213 -27.57 -25.91 -28.13
CA ASN A 213 -27.94 -24.73 -27.34
C ASN A 213 -26.97 -24.48 -26.19
N GLU A 214 -25.68 -24.71 -26.42
CA GLU A 214 -24.65 -24.45 -25.43
C GLU A 214 -23.42 -23.91 -26.14
N VAL A 215 -22.51 -23.35 -25.35
CA VAL A 215 -21.29 -22.78 -25.90
C VAL A 215 -20.06 -23.38 -25.23
N MLY A 216 -19.11 -23.84 -26.05
CA MLY A 216 -17.86 -24.36 -25.54
CB MLY A 216 -17.51 -25.70 -26.19
CG MLY A 216 -16.13 -26.25 -25.83
CD MLY A 216 -16.12 -27.74 -25.53
CE MLY A 216 -16.24 -28.59 -26.79
NZ MLY A 216 -14.99 -28.81 -27.49
CH1 MLY A 216 -15.16 -28.66 -28.92
CH2 MLY A 216 -14.41 -30.10 -27.19
C MLY A 216 -16.74 -23.35 -25.79
O MLY A 216 -16.51 -22.93 -26.92
N VAL A 217 -16.06 -22.96 -24.72
CA VAL A 217 -14.99 -21.97 -24.81
C VAL A 217 -13.65 -22.58 -24.41
N VAL A 218 -12.68 -22.53 -25.32
CA VAL A 218 -11.36 -23.11 -25.10
C VAL A 218 -10.35 -21.98 -24.95
N ILE A 219 -9.72 -21.89 -23.79
CA ILE A 219 -8.74 -20.85 -23.49
C ILE A 219 -7.36 -21.47 -23.38
N MLY A 220 -6.40 -20.94 -24.14
CA MLY A 220 -5.06 -21.52 -24.20
CB MLY A 220 -4.73 -21.92 -25.64
CG MLY A 220 -3.77 -23.09 -25.78
CD MLY A 220 -3.84 -23.78 -27.14
CE MLY A 220 -3.71 -25.29 -27.03
NZ MLY A 220 -3.51 -25.98 -28.29
CH1 MLY A 220 -2.23 -25.59 -28.86
CH2 MLY A 220 -4.57 -25.74 -29.23
C MLY A 220 -3.98 -20.58 -23.67
O MLY A 220 -4.03 -19.37 -23.91
N GLY A 221 -3.00 -21.13 -22.96
CA GLY A 221 -1.86 -20.36 -22.50
C GLY A 221 -2.10 -19.52 -21.26
N LEU A 222 -2.94 -20.04 -20.36
CA LEU A 222 -3.28 -19.35 -19.14
C LEU A 222 -2.38 -19.85 -18.01
N HIS A 223 -1.74 -18.92 -17.31
CA HIS A 223 -0.85 -19.29 -16.22
C HIS A 223 -1.63 -19.77 -15.00
N GLU A 224 -0.93 -20.50 -14.13
CA GLU A 224 -1.59 -21.13 -12.98
C GLU A 224 -2.22 -20.09 -12.07
N SER A 225 -1.55 -18.95 -11.89
CA SER A 225 -2.13 -17.87 -11.09
C SER A 225 -3.31 -17.20 -11.78
N GLN A 226 -3.38 -17.29 -13.11
CA GLN A 226 -4.53 -16.74 -13.83
C GLN A 226 -5.72 -17.68 -13.83
N GLN A 227 -5.47 -19.00 -13.85
CA GLN A 227 -6.57 -19.95 -13.90
C GLN A 227 -7.40 -19.92 -12.61
N GLU A 228 -6.78 -19.61 -11.48
CA GLU A 228 -7.51 -19.53 -10.22
C GLU A 228 -8.51 -18.37 -10.25
N VAL A 229 -8.08 -17.21 -10.72
CA VAL A 229 -8.96 -16.04 -10.65
C VAL A 229 -9.98 -16.06 -11.79
N LEU A 230 -9.68 -16.74 -12.90
CA LEU A 230 -10.71 -16.98 -13.91
C LEU A 230 -11.80 -17.88 -13.36
N LEU A 231 -11.42 -18.90 -12.59
CA LEU A 231 -12.41 -19.80 -11.99
C LEU A 231 -13.29 -19.07 -10.98
N GLU A 232 -12.69 -18.16 -10.20
CA GLU A 232 -13.46 -17.49 -9.15
C GLU A 232 -14.47 -16.51 -9.74
N ALA A 233 -14.09 -15.80 -10.81
CA ALA A 233 -15.00 -14.81 -11.38
C ALA A 233 -16.14 -15.47 -12.14
N VAL A 234 -15.85 -16.52 -12.90
CA VAL A 234 -16.89 -17.19 -13.68
C VAL A 234 -17.87 -17.90 -12.76
N LEU A 235 -17.37 -18.60 -11.75
CA LEU A 235 -18.25 -19.30 -10.83
C LEU A 235 -19.19 -18.33 -10.10
N PHE A 236 -18.68 -17.16 -9.75
CA PHE A 236 -19.52 -16.17 -9.06
C PHE A 236 -20.55 -15.57 -10.01
N ALA A 237 -20.16 -15.27 -11.25
CA ALA A 237 -21.10 -14.71 -12.21
C ALA A 237 -22.15 -15.74 -12.60
N ALA A 238 -21.76 -17.01 -12.72
CA ALA A 238 -22.73 -18.04 -13.07
C ALA A 238 -23.70 -18.31 -11.94
N GLU A 239 -23.27 -18.14 -10.69
CA GLU A 239 -24.19 -18.26 -9.57
C GLU A 239 -25.13 -17.06 -9.47
N LEU A 240 -24.64 -15.86 -9.82
CA LEU A 240 -25.51 -14.69 -9.84
C LEU A 240 -26.56 -14.81 -10.93
N MET A 241 -26.16 -15.31 -12.11
CA MET A 241 -27.08 -15.42 -13.24
C MET A 241 -27.90 -16.71 -13.23
N GLY A 242 -27.51 -17.70 -12.44
CA GLY A 242 -28.20 -18.97 -12.47
C GLY A 242 -27.85 -19.81 -13.67
N VAL A 243 -26.61 -19.73 -14.14
CA VAL A 243 -26.14 -20.48 -15.30
C VAL A 243 -25.32 -21.67 -14.82
N ARG A 244 -25.48 -22.81 -15.49
CA ARG A 244 -24.67 -23.98 -15.24
C ARG A 244 -23.46 -23.97 -16.17
N VAL A 245 -22.27 -23.97 -15.59
CA VAL A 245 -21.02 -23.99 -16.34
C VAL A 245 -20.23 -25.22 -15.92
N ARG A 246 -19.52 -25.81 -16.88
CA ARG A 246 -18.65 -26.96 -16.66
C ARG A 246 -17.25 -26.56 -17.11
N ILE A 247 -16.34 -26.40 -16.15
CA ILE A 247 -14.99 -25.89 -16.40
C ILE A 247 -14.00 -27.04 -16.22
N ARG A 248 -13.10 -27.21 -17.19
CA ARG A 248 -12.12 -28.28 -17.19
C ARG A 248 -10.73 -27.68 -17.26
N PHE A 249 -9.84 -28.17 -16.39
CA PHE A 249 -8.46 -27.72 -16.37
C PHE A 249 -7.51 -28.82 -16.83
N MLY A 250 -6.98 -28.69 -18.04
CA MLY A 250 -6.08 -29.69 -18.60
CB MLY A 250 -6.76 -30.47 -19.72
CG MLY A 250 -6.46 -31.96 -19.71
CD MLY A 250 -7.02 -32.73 -20.91
CE MLY A 250 -6.60 -34.20 -20.85
NZ MLY A 250 -6.98 -34.99 -22.01
CH1 MLY A 250 -6.49 -34.39 -23.24
CH2 MLY A 250 -6.52 -36.36 -21.91
C MLY A 250 -4.80 -29.03 -19.12
O MLY A 250 -4.79 -28.45 -20.21
N GLY A 251 -3.73 -29.14 -18.34
CA GLY A 251 -2.44 -28.59 -18.72
C GLY A 251 -2.38 -27.08 -18.65
N ASP A 252 -2.49 -26.44 -19.82
CA ASP A 252 -2.55 -24.99 -19.91
C ASP A 252 -3.81 -24.52 -20.66
N THR A 253 -4.80 -25.41 -20.77
CA THR A 253 -6.02 -25.14 -21.53
C THR A 253 -7.23 -25.27 -20.63
N VAL A 254 -8.00 -24.19 -20.49
CA VAL A 254 -9.24 -24.19 -19.74
C VAL A 254 -10.39 -24.29 -20.72
N THR A 255 -11.27 -25.27 -20.50
CA THR A 255 -12.44 -25.49 -21.35
C THR A 255 -13.69 -25.23 -20.51
N ILE A 256 -14.43 -24.18 -20.87
CA ILE A 256 -15.67 -23.82 -20.18
C ILE A 256 -16.84 -24.13 -21.10
N VAL A 257 -17.83 -24.84 -20.57
CA VAL A 257 -19.05 -25.17 -21.28
C VAL A 257 -20.19 -24.42 -20.60
N VAL A 258 -20.74 -23.42 -21.28
CA VAL A 258 -21.86 -22.65 -20.77
C VAL A 258 -23.15 -23.25 -21.33
N ARG A 259 -24.06 -23.62 -20.44
CA ARG A 259 -25.28 -24.33 -20.81
C ARG A 259 -26.50 -23.53 -20.35
N GLU A 260 -27.52 -23.51 -21.20
CA GLU A 260 -28.77 -22.83 -20.87
C GLU A 260 -29.95 -23.78 -20.92
N GLY B 3 10.05 -43.70 7.52
CA GLY B 3 10.01 -42.67 6.49
C GLY B 3 8.61 -42.23 6.14
N GLU B 4 7.73 -43.20 5.90
CA GLU B 4 6.32 -42.89 5.63
C GLU B 4 5.55 -42.60 6.91
N GLU B 5 5.95 -43.21 8.03
CA GLU B 5 5.29 -42.96 9.30
C GLU B 5 5.35 -41.49 9.69
N ALA B 6 6.40 -40.78 9.27
CA ALA B 6 6.48 -39.35 9.56
C ALA B 6 5.39 -38.58 8.82
N VAL B 7 5.14 -38.93 7.56
CA VAL B 7 4.14 -38.20 6.79
C VAL B 7 2.73 -38.52 7.30
N ARG B 8 2.46 -39.79 7.61
CA ARG B 8 1.16 -40.15 8.15
C ARG B 8 0.92 -39.49 9.50
N ARG B 9 1.97 -39.41 10.34
CA ARG B 9 1.83 -38.75 11.64
C ARG B 9 1.54 -37.27 11.48
N ARG B 10 2.18 -36.63 10.49
CA ARG B 10 1.92 -35.22 10.23
C ARG B 10 0.52 -35.01 9.65
N PHE B 11 0.09 -35.94 8.78
CA PHE B 11 -1.28 -35.88 8.26
C PHE B 11 -2.30 -35.96 9.38
N GLU B 12 -2.06 -36.83 10.37
CA GLU B 12 -2.99 -36.97 11.48
C GLU B 12 -3.04 -35.70 12.34
N GLU B 13 -1.93 -34.99 12.46
CA GLU B 13 -1.92 -33.78 13.27
C GLU B 13 -2.63 -32.64 12.56
N LEU B 14 -2.43 -32.51 11.24
CA LEU B 14 -3.15 -31.50 10.49
C LEU B 14 -4.62 -31.86 10.34
N LEU B 15 -4.95 -33.15 10.35
CA LEU B 15 -6.35 -33.56 10.27
C LEU B 15 -7.11 -33.17 11.53
N ARG B 16 -6.52 -33.41 12.71
CA ARG B 16 -7.20 -33.04 13.94
C ARG B 16 -7.25 -31.52 14.11
N GLU B 17 -6.32 -30.79 13.49
CA GLU B 17 -6.43 -29.34 13.49
C GLU B 17 -7.51 -28.86 12.53
N ALA B 18 -7.69 -29.57 11.41
CA ALA B 18 -8.77 -29.23 10.49
C ALA B 18 -10.13 -29.46 11.14
N LEU B 19 -10.30 -30.59 11.83
CA LEU B 19 -11.58 -30.87 12.49
C LEU B 19 -11.81 -29.95 13.68
N ALA B 20 -10.75 -29.43 14.28
CA ALA B 20 -10.92 -28.50 15.39
C ALA B 20 -11.48 -27.17 14.92
N PHE B 21 -10.99 -26.66 13.78
CA PHE B 21 -11.53 -25.43 13.22
C PHE B 21 -12.88 -25.63 12.56
N ARG B 22 -13.22 -26.87 12.21
CA ARG B 22 -14.52 -27.15 11.61
C ARG B 22 -15.65 -26.96 12.62
N GLU B 23 -15.39 -27.17 13.91
CA GLU B 23 -16.42 -26.94 14.91
C GLU B 23 -16.72 -25.46 15.09
N ARG B 24 -15.72 -24.59 14.92
CA ARG B 24 -15.94 -23.16 15.12
C ARG B 24 -16.88 -22.59 14.06
N THR B 25 -16.55 -22.83 12.79
CA THR B 25 -17.24 -22.20 11.65
C THR B 25 -17.28 -20.68 11.79
N GLY B 26 -16.30 -20.12 12.50
CA GLY B 26 -16.20 -18.69 12.67
C GLY B 26 -15.79 -18.02 11.38
N GLY B 27 -16.77 -17.68 10.55
CA GLY B 27 -16.49 -17.20 9.22
C GLY B 27 -16.55 -18.31 8.20
N ARG B 28 -16.98 -17.97 6.99
CA ARG B 28 -17.10 -18.96 5.93
C ARG B 28 -15.80 -19.13 5.14
N ARG B 29 -15.24 -18.03 4.63
CA ARG B 29 -13.98 -18.14 3.90
C ARG B 29 -12.80 -18.39 4.84
N GLU B 30 -12.93 -18.03 6.11
CA GLU B 30 -11.81 -18.18 7.04
C GLU B 30 -11.46 -19.66 7.24
N THR B 31 -12.47 -20.50 7.46
CA THR B 31 -12.22 -21.93 7.57
C THR B 31 -11.69 -22.51 6.26
N LEU B 32 -11.93 -21.84 5.14
CA LEU B 32 -11.42 -22.30 3.85
C LEU B 32 -9.96 -21.93 3.67
N GLU B 33 -9.60 -20.69 4.01
CA GLU B 33 -8.20 -20.29 3.95
C GLU B 33 -7.35 -21.03 4.98
N HIS B 34 -7.93 -21.31 6.15
CA HIS B 34 -7.26 -22.15 7.14
C HIS B 34 -7.08 -23.57 6.62
N ALA B 35 -8.02 -24.06 5.82
CA ALA B 35 -7.93 -25.44 5.33
C ALA B 35 -6.87 -25.58 4.25
N VAL B 36 -6.79 -24.60 3.33
CA VAL B 36 -5.81 -24.70 2.25
C VAL B 36 -4.39 -24.52 2.79
N ARG B 37 -4.22 -23.73 3.85
CA ARG B 37 -2.91 -23.63 4.49
C ARG B 37 -2.49 -24.97 5.07
N LEU B 38 -3.43 -25.71 5.66
CA LEU B 38 -3.11 -27.03 6.20
C LEU B 38 -2.71 -28.00 5.10
N ALA B 39 -3.40 -27.95 3.95
CA ALA B 39 -3.00 -28.77 2.82
C ALA B 39 -1.63 -28.37 2.31
N ARG B 40 -1.27 -27.09 2.47
CA ARG B 40 0.05 -26.63 2.05
C ARG B 40 1.14 -27.17 2.97
N GLU B 41 0.90 -27.16 4.28
CA GLU B 41 1.90 -27.64 5.22
C GLU B 41 2.16 -29.13 5.04
N LEU B 42 1.13 -29.89 4.65
CA LEU B 42 1.32 -31.33 4.44
C LEU B 42 2.18 -31.59 3.20
N ALA B 43 1.92 -30.86 2.11
CA ALA B 43 2.70 -31.05 0.90
C ALA B 43 4.15 -30.64 1.10
N GLU B 44 4.38 -29.50 1.77
CA GLU B 44 5.73 -29.08 2.07
C GLU B 44 6.43 -30.04 3.03
N PHE B 45 5.67 -30.78 3.83
CA PHE B 45 6.28 -31.78 4.71
C PHE B 45 6.60 -33.06 3.95
N ALA B 46 5.69 -33.53 3.11
CA ALA B 46 5.95 -34.73 2.33
C ALA B 46 7.08 -34.52 1.33
N ALA B 47 7.24 -33.29 0.82
CA ALA B 47 8.36 -33.00 -0.07
C ALA B 47 9.69 -33.11 0.66
N SER B 48 9.70 -32.87 1.98
CA SER B 48 10.92 -33.01 2.77
C SER B 48 11.26 -34.47 3.05
N HIS B 49 10.37 -35.40 2.73
CA HIS B 49 10.66 -36.83 2.79
C HIS B 49 10.53 -37.39 1.37
N PRO B 50 11.58 -37.35 0.58
CA PRO B 50 11.49 -37.86 -0.80
C PRO B 50 11.11 -39.33 -0.88
N GLU B 51 11.24 -40.07 0.22
CA GLU B 51 10.81 -41.46 0.24
C GLU B 51 9.32 -41.60 0.00
N PHE B 52 8.53 -40.63 0.46
CA PHE B 52 7.08 -40.75 0.42
C PHE B 52 6.55 -40.56 -0.99
N ASN B 53 5.51 -41.31 -1.32
CA ASN B 53 4.92 -41.27 -2.66
C ASN B 53 4.37 -39.88 -2.94
N ARG B 54 4.85 -39.25 -4.01
CA ARG B 54 4.41 -37.90 -4.35
C ARG B 54 2.93 -37.88 -4.71
N GLN B 55 2.45 -38.92 -5.39
CA GLN B 55 1.03 -39.01 -5.71
C GLN B 55 0.20 -39.14 -4.44
N GLU B 56 0.52 -40.13 -3.61
CA GLU B 56 -0.23 -40.36 -2.38
C GLU B 56 -0.25 -39.13 -1.48
N ALA B 57 0.77 -38.27 -1.58
CA ALA B 57 0.77 -37.03 -0.82
C ALA B 57 -0.36 -36.10 -1.29
N VAL B 58 -0.55 -35.98 -2.60
CA VAL B 58 -1.61 -35.14 -3.12
C VAL B 58 -2.97 -35.65 -2.66
N LEU B 59 -3.15 -36.98 -2.67
CA LEU B 59 -4.41 -37.55 -2.21
C LEU B 59 -4.65 -37.23 -0.74
N LEU B 60 -3.61 -37.29 0.09
CA LEU B 60 -3.77 -36.97 1.50
C LEU B 60 -4.16 -35.52 1.70
N ALA B 61 -3.52 -34.60 0.96
CA ALA B 61 -3.89 -33.19 1.06
C ALA B 61 -5.32 -32.97 0.58
N ILE B 62 -5.77 -33.74 -0.41
CA ILE B 62 -7.15 -33.62 -0.87
C ILE B 62 -8.11 -34.12 0.21
N GLU B 63 -7.79 -35.26 0.83
CA GLU B 63 -8.61 -35.75 1.94
C GLU B 63 -8.62 -34.76 3.08
N LEU B 64 -7.50 -34.09 3.33
CA LEU B 64 -7.45 -33.05 4.35
C LEU B 64 -8.46 -31.95 4.07
N MET B 65 -8.54 -31.51 2.82
CA MET B 65 -9.50 -30.48 2.44
C MET B 65 -10.94 -31.00 2.54
N VAL B 66 -11.18 -32.25 2.13
CA VAL B 66 -12.52 -32.81 2.19
C VAL B 66 -13.01 -32.87 3.62
N ARG B 67 -12.15 -33.35 4.53
CA ARG B 67 -12.55 -33.46 5.94
C ARG B 67 -12.68 -32.10 6.61
N ALA B 68 -11.94 -31.09 6.11
CA ALA B 68 -12.04 -29.76 6.68
C ALA B 68 -13.36 -29.09 6.31
N MET B 69 -13.77 -29.21 5.05
CA MET B 69 -15.00 -28.57 4.59
C MET B 69 -16.25 -29.41 4.84
N GLY B 70 -16.10 -30.64 5.32
CA GLY B 70 -17.24 -31.48 5.60
C GLY B 70 -17.99 -31.95 4.37
N VAL B 71 -17.28 -32.19 3.27
CA VAL B 71 -17.89 -32.71 2.06
C VAL B 71 -17.60 -34.20 1.95
N THR B 72 -17.95 -34.80 0.81
CA THR B 72 -17.79 -36.23 0.59
C THR B 72 -16.84 -36.48 -0.57
N MET B 73 -16.20 -37.65 -0.55
CA MET B 73 -15.15 -37.97 -1.49
C MET B 73 -15.24 -39.43 -1.89
N GLU B 74 -14.93 -39.73 -3.15
CA GLU B 74 -14.85 -41.08 -3.66
C GLU B 74 -13.58 -41.21 -4.49
N THR B 75 -12.78 -42.24 -4.20
CA THR B 75 -11.47 -42.43 -4.82
C THR B 75 -11.52 -43.61 -5.77
N HIS B 76 -11.20 -43.36 -7.04
CA HIS B 76 -11.20 -44.38 -8.08
C HIS B 76 -9.76 -44.61 -8.52
N ARG B 77 -9.29 -45.85 -8.39
CA ARG B 77 -7.91 -46.22 -8.73
C ARG B 77 -7.95 -47.16 -9.93
N SER B 78 -7.41 -46.70 -11.06
CA SER B 78 -7.36 -47.48 -12.28
C SER B 78 -6.01 -47.26 -12.93
N GLY B 79 -5.27 -48.34 -13.16
CA GLY B 79 -3.94 -48.21 -13.74
C GLY B 79 -3.01 -47.50 -12.77
N ASN B 80 -2.35 -46.45 -13.27
CA ASN B 80 -1.45 -45.65 -12.45
C ASN B 80 -2.07 -44.34 -11.99
N GLU B 81 -3.10 -43.86 -12.65
CA GLU B 81 -3.74 -42.61 -12.28
C GLU B 81 -4.82 -42.85 -11.23
N VAL B 82 -5.05 -41.84 -10.40
CA VAL B 82 -6.09 -41.90 -9.39
C VAL B 82 -7.05 -40.74 -9.56
N MLY B 83 -8.34 -41.04 -9.63
CA MLY B 83 -9.35 -40.01 -9.80
CB MLY B 83 -10.20 -40.31 -11.05
CG MLY B 83 -11.51 -39.52 -11.12
CD MLY B 83 -12.45 -39.97 -12.24
CE MLY B 83 -13.29 -41.17 -11.83
NZ MLY B 83 -14.18 -41.67 -12.87
CH1 MLY B 83 -13.42 -42.31 -13.93
CH2 MLY B 83 -15.19 -42.56 -12.35
C MLY B 83 -10.26 -39.89 -8.57
O MLY B 83 -10.92 -40.85 -8.19
N VAL B 84 -10.26 -38.72 -7.95
CA VAL B 84 -11.14 -38.47 -6.83
C VAL B 84 -12.33 -37.61 -7.25
N VAL B 85 -13.53 -38.00 -6.79
CA VAL B 85 -14.76 -37.28 -7.08
C VAL B 85 -15.26 -36.70 -5.77
N ILE B 86 -15.34 -35.37 -5.70
CA ILE B 86 -15.79 -34.70 -4.50
C ILE B 86 -17.12 -33.99 -4.75
N MLY B 87 -18.12 -34.31 -3.95
CA MLY B 87 -19.46 -33.73 -4.10
CB MLY B 87 -20.49 -34.84 -4.34
CG MLY B 87 -20.12 -35.83 -5.45
CD MLY B 87 -21.31 -36.54 -6.07
CE MLY B 87 -22.15 -35.60 -6.91
NZ MLY B 87 -23.08 -36.25 -7.83
CH1 MLY B 87 -23.81 -35.27 -8.61
CH2 MLY B 87 -24.00 -37.15 -7.16
C MLY B 87 -19.87 -32.89 -2.89
O MLY B 87 -19.38 -33.11 -1.79
N GLY B 88 -20.76 -31.93 -3.12
CA GLY B 88 -21.29 -31.11 -2.04
C GLY B 88 -20.60 -29.78 -1.83
N LEU B 89 -19.96 -29.27 -2.89
CA LEU B 89 -19.18 -28.04 -2.81
C LEU B 89 -20.01 -26.83 -3.19
N ASN B 90 -19.80 -25.72 -2.48
CA ASN B 90 -20.35 -24.44 -2.91
C ASN B 90 -19.29 -23.70 -3.75
N ILE B 91 -19.64 -22.50 -4.21
CA ILE B 91 -18.74 -21.76 -5.10
C ILE B 91 -17.44 -21.43 -4.38
N ASP B 92 -17.51 -21.11 -3.09
CA ASP B 92 -16.29 -20.79 -2.35
C ASP B 92 -15.45 -22.04 -2.09
N GLU B 93 -16.10 -23.14 -1.70
CA GLU B 93 -15.36 -24.39 -1.50
C GLU B 93 -14.81 -24.93 -2.81
N GLN B 94 -15.45 -24.61 -3.94
CA GLN B 94 -14.95 -25.06 -5.24
C GLN B 94 -13.61 -24.40 -5.56
N VAL B 95 -13.52 -23.08 -5.42
CA VAL B 95 -12.29 -22.39 -5.75
C VAL B 95 -11.18 -22.72 -4.74
N ALA B 96 -11.56 -22.99 -3.49
CA ALA B 96 -10.57 -23.30 -2.47
C ALA B 96 -9.99 -24.70 -2.66
N LEU B 97 -10.84 -25.68 -2.94
CA LEU B 97 -10.35 -27.02 -3.24
C LEU B 97 -9.43 -27.00 -4.45
N TYR B 98 -9.81 -26.24 -5.49
CA TYR B 98 -8.95 -26.08 -6.65
C TYR B 98 -7.63 -25.41 -6.27
N ARG B 99 -7.68 -24.41 -5.39
CA ARG B 99 -6.48 -23.72 -4.97
C ARG B 99 -5.52 -24.67 -4.24
N ALA B 100 -6.06 -25.55 -3.41
CA ALA B 100 -5.22 -26.49 -2.68
C ALA B 100 -4.64 -27.56 -3.61
N VAL B 101 -5.45 -28.07 -4.52
CA VAL B 101 -4.97 -29.12 -5.43
C VAL B 101 -3.90 -28.58 -6.35
N ARG B 102 -4.10 -27.38 -6.90
CA ARG B 102 -3.12 -26.80 -7.81
C ARG B 102 -1.79 -26.53 -7.12
N GLU B 103 -1.83 -26.21 -5.82
CA GLU B 103 -0.61 -25.88 -5.11
C GLU B 103 0.10 -27.12 -4.60
N THR B 104 -0.63 -28.07 -4.01
CA THR B 104 0.00 -29.29 -3.54
C THR B 104 0.51 -30.15 -4.70
N SER B 105 -0.10 -30.02 -5.88
CA SER B 105 0.35 -30.75 -7.06
C SER B 105 1.71 -30.26 -7.53
N MLY B 106 2.03 -29.02 -7.17
CA MLY B 106 3.29 -28.40 -7.58
CB MLY B 106 3.12 -26.89 -7.73
CG MLY B 106 3.63 -26.36 -9.07
CD MLY B 106 3.90 -24.86 -9.05
CE MLY B 106 3.35 -24.19 -10.30
NZ MLY B 106 3.91 -22.88 -10.56
CH1 MLY B 106 3.85 -22.57 -11.97
CH2 MLY B 106 3.29 -21.84 -9.77
C MLY B 106 4.41 -28.71 -6.60
O MLY B 106 5.51 -29.07 -7.00
N ILE B 107 4.12 -28.55 -5.31
CA ILE B 107 5.08 -28.81 -4.25
C ILE B 107 5.58 -30.25 -4.36
N MET B 108 4.67 -31.13 -4.78
CA MET B 108 4.98 -32.55 -4.97
C MET B 108 5.35 -32.90 -6.40
N GLY B 109 5.23 -31.96 -7.34
CA GLY B 109 5.60 -32.21 -8.72
C GLY B 109 4.71 -33.23 -9.41
N VAL B 110 3.40 -33.01 -9.34
CA VAL B 110 2.41 -33.93 -9.87
C VAL B 110 1.48 -33.15 -10.79
N GLU B 111 1.10 -33.76 -11.91
CA GLU B 111 0.11 -33.17 -12.81
C GLU B 111 -1.29 -33.57 -12.40
N THR B 112 -2.23 -32.64 -12.53
CA THR B 112 -3.62 -32.87 -12.16
C THR B 112 -4.55 -32.39 -13.27
N GLU B 113 -5.66 -33.10 -13.44
CA GLU B 113 -6.73 -32.71 -14.36
C GLU B 113 -7.99 -32.50 -13.53
N ILE B 114 -8.52 -31.28 -13.54
CA ILE B 114 -9.59 -30.88 -12.64
C ILE B 114 -10.80 -30.46 -13.46
N GLU B 115 -11.96 -31.01 -13.13
CA GLU B 115 -13.23 -30.67 -13.78
C GLU B 115 -14.21 -30.19 -12.72
N VAL B 116 -14.59 -28.92 -12.82
CA VAL B 116 -15.53 -28.30 -11.88
C VAL B 116 -16.88 -28.22 -12.58
N GLU B 117 -17.91 -28.78 -11.95
CA GLU B 117 -19.26 -28.74 -12.52
C GLU B 117 -20.26 -28.79 -11.36
N GLY B 118 -20.83 -27.63 -11.02
CA GLY B 118 -21.82 -27.60 -9.96
C GLY B 118 -21.16 -27.77 -8.60
N ASP B 119 -21.66 -28.71 -7.81
CA ASP B 119 -21.09 -29.01 -6.52
C ASP B 119 -20.01 -30.09 -6.57
N THR B 120 -19.66 -30.56 -7.78
CA THR B 120 -18.76 -31.68 -7.95
C THR B 120 -17.46 -31.21 -8.57
N GLN B 121 -16.34 -31.61 -7.97
CA GLN B 121 -15.01 -31.40 -8.54
C GLN B 121 -14.36 -32.77 -8.69
N THR B 122 -13.93 -33.09 -9.91
CA THR B 122 -13.31 -34.37 -10.22
C THR B 122 -11.84 -34.13 -10.56
N ILE B 123 -10.96 -34.73 -9.78
CA ILE B 123 -9.52 -34.50 -9.86
C ILE B 123 -8.84 -35.80 -10.22
N VAL B 124 -8.05 -35.78 -11.29
CA VAL B 124 -7.25 -36.93 -11.71
C VAL B 124 -5.80 -36.67 -11.33
N VAL B 125 -5.24 -37.53 -10.49
CA VAL B 125 -3.87 -37.42 -10.01
C VAL B 125 -3.06 -38.49 -10.71
N ARG B 126 -2.00 -38.09 -11.41
CA ARG B 126 -1.20 -39.01 -12.20
C ARG B 126 0.27 -38.85 -11.86
N GLU B 127 0.93 -39.96 -11.57
CA GLU B 127 2.38 -40.03 -11.42
C GLU B 127 2.84 -41.47 -11.24
N MLY C 6 22.81 20.92 39.53
CA MLY C 6 22.99 22.34 39.18
CB MLY C 6 24.45 22.62 38.84
CG MLY C 6 25.24 21.39 38.37
CD MLY C 6 25.10 21.09 36.88
CE MLY C 6 24.50 19.72 36.62
NZ MLY C 6 25.43 18.63 36.85
CH1 MLY C 6 24.81 17.59 37.65
CH2 MLY C 6 25.94 18.07 35.61
C MLY C 6 22.09 22.73 38.01
O MLY C 6 21.79 21.92 37.14
N GLU C 7 21.66 23.99 38.01
CA GLU C 7 20.84 24.53 36.91
C GLU C 7 21.72 24.93 35.73
N GLU C 8 22.89 24.31 35.63
CA GLU C 8 23.74 24.53 34.47
C GLU C 8 23.09 24.02 33.19
N ILE C 9 22.22 23.02 33.30
CA ILE C 9 21.43 22.56 32.17
C ILE C 9 20.58 23.71 31.67
N MLY C 10 19.91 24.37 32.62
CA MLY C 10 19.20 25.59 32.30
CB MLY C 10 18.59 26.23 33.55
CG MLY C 10 17.50 27.26 33.25
CD MLY C 10 16.62 27.61 34.44
CE MLY C 10 17.44 28.14 35.60
NZ MLY C 10 16.68 28.90 36.59
CH1 MLY C 10 15.61 28.10 37.17
CH2 MLY C 10 16.14 30.13 36.05
C MLY C 10 20.19 26.52 31.62
O MLY C 10 20.16 26.63 30.40
N ARG C 11 21.07 27.15 32.41
CA ARG C 11 22.12 28.07 31.94
C ARG C 11 22.51 27.99 30.46
N LEU C 12 22.62 26.78 29.93
CA LEU C 12 22.96 26.60 28.53
C LEU C 12 21.75 26.62 27.60
N ALA C 13 20.54 26.47 28.12
CA ALA C 13 19.38 26.32 27.27
C ALA C 13 18.83 27.66 26.78
N GLU C 14 18.78 28.66 27.66
CA GLU C 14 18.40 30.01 27.25
C GLU C 14 19.52 30.70 26.48
N GLU C 15 20.77 30.25 26.66
CA GLU C 15 21.84 30.68 25.76
C GLU C 15 21.59 30.18 24.34
N LEU C 16 20.97 29.02 24.21
CA LEU C 16 20.55 28.49 22.92
C LEU C 16 19.50 29.42 22.33
N MLY C 17 18.62 29.94 23.18
CA MLY C 17 17.53 30.81 22.75
CB MLY C 17 16.54 31.04 23.89
CG MLY C 17 15.13 30.53 23.62
CD MLY C 17 15.00 29.02 23.76
CE MLY C 17 15.34 28.57 25.16
NZ MLY C 17 14.37 27.68 25.78
CH1 MLY C 17 13.03 28.22 25.63
CH2 MLY C 17 14.66 27.41 27.16
C MLY C 17 18.01 32.16 22.22
O MLY C 17 17.24 32.90 21.61
N GLU C 18 19.28 32.49 22.48
CA GLU C 18 19.85 33.75 22.03
C GLU C 18 19.75 33.88 20.51
N MLY C 19 20.06 32.79 19.82
CA MLY C 19 19.91 32.73 18.37
CB MLY C 19 21.22 32.29 17.71
CG MLY C 19 21.38 32.73 16.25
CD MLY C 19 22.70 33.43 15.96
CE MLY C 19 23.83 32.83 16.79
NZ MLY C 19 24.68 33.82 17.45
CH1 MLY C 19 23.88 34.81 18.13
CH2 MLY C 19 25.63 33.21 18.36
C MLY C 19 18.79 31.76 18.01
O MLY C 19 17.62 32.06 18.21
N THR C 20 19.18 30.59 17.49
CA THR C 20 18.27 29.50 17.14
C THR C 20 16.94 29.96 16.58
N MLY C 21 16.96 30.49 15.36
CA MLY C 21 15.74 30.96 14.70
CB MLY C 21 16.09 31.59 13.35
CG MLY C 21 17.41 32.38 13.36
CD MLY C 21 17.47 33.50 14.39
CE MLY C 21 18.51 34.56 14.05
NZ MLY C 21 19.11 35.23 15.19
CH1 MLY C 21 19.90 36.37 14.75
CH2 MLY C 21 18.14 35.65 16.18
C MLY C 21 14.76 29.80 14.51
O MLY C 21 13.55 30.01 14.37
N ASN C 22 15.30 28.59 14.52
CA ASN C 22 14.51 27.37 14.52
C ASN C 22 13.61 27.33 15.76
N GLU C 23 12.29 27.32 15.52
CA GLU C 23 11.34 27.30 16.63
C GLU C 23 11.27 25.91 17.29
N GLU C 24 11.43 24.85 16.50
CA GLU C 24 11.46 23.51 17.07
C GLU C 24 12.63 23.36 18.04
N ILE C 25 13.78 23.93 17.70
CA ILE C 25 14.95 23.90 18.57
C ILE C 25 14.66 24.69 19.84
N MLY C 26 14.03 25.85 19.68
CA MLY C 26 13.62 26.67 20.81
CB MLY C 26 12.99 27.98 20.33
CG MLY C 26 13.98 29.13 20.25
CD MLY C 26 13.39 30.41 19.65
CE MLY C 26 14.38 31.57 19.73
NZ MLY C 26 13.90 32.79 19.13
CH1 MLY C 26 13.98 32.73 17.69
CH2 MLY C 26 14.61 33.96 19.61
C MLY C 26 12.64 25.89 21.69
O MLY C 26 12.64 26.03 22.91
N ARG C 27 11.82 25.06 21.05
CA ARG C 27 10.87 24.21 21.76
C ARG C 27 11.59 23.07 22.48
N LEU C 28 12.51 22.42 21.77
CA LEU C 28 13.25 21.30 22.35
C LEU C 28 14.11 21.74 23.52
N ALA C 29 14.71 22.92 23.42
CA ALA C 29 15.43 23.47 24.57
C ALA C 29 14.49 23.80 25.71
N GLU C 30 13.25 24.18 25.38
CA GLU C 30 12.25 24.44 26.41
C GLU C 30 11.82 23.15 27.10
N GLU C 31 11.61 22.08 26.32
CA GLU C 31 11.19 20.82 26.91
C GLU C 31 12.33 20.16 27.67
N ALA C 32 13.58 20.48 27.34
CA ALA C 32 14.70 19.86 28.04
C ALA C 32 15.07 20.62 29.31
N ALA C 33 15.07 21.95 29.24
CA ALA C 33 15.46 22.75 30.40
C ALA C 33 14.37 22.74 31.46
N GLU C 34 13.11 22.99 31.06
CA GLU C 34 12.02 23.02 32.01
C GLU C 34 11.77 21.66 32.64
N LEU C 35 12.17 20.58 31.97
CA LEU C 35 12.12 19.25 32.59
C LEU C 35 13.36 18.94 33.40
N ALA C 36 14.45 19.69 33.20
CA ALA C 36 15.70 19.39 33.90
C ALA C 36 15.55 19.59 35.41
N GLU C 37 15.17 20.80 35.82
CA GLU C 37 14.98 21.07 37.24
C GLU C 37 13.83 20.30 37.85
N ARG C 38 12.98 19.69 37.03
CA ARG C 38 11.91 18.81 37.49
C ARG C 38 12.39 17.37 37.68
N SER C 39 13.70 17.13 37.71
CA SER C 39 14.24 15.79 37.81
C SER C 39 15.68 15.86 38.29
N ASP C 40 16.15 14.72 38.80
CA ASP C 40 17.55 14.60 39.23
C ASP C 40 18.18 13.38 38.58
N ASP C 41 18.93 12.58 39.38
CA ASP C 41 19.51 11.31 38.94
C ASP C 41 20.61 11.53 37.90
N PRO C 42 21.43 10.51 37.57
CA PRO C 42 22.58 10.74 36.69
C PRO C 42 22.25 11.06 35.24
N GLU C 43 20.98 11.31 34.94
CA GLU C 43 20.59 11.78 33.62
C GLU C 43 20.96 13.25 33.44
N VAL C 44 20.64 14.06 34.44
CA VAL C 44 21.07 15.45 34.44
C VAL C 44 22.58 15.53 34.31
N LEU C 45 23.30 14.64 35.01
CA LEU C 45 24.75 14.59 34.92
C LEU C 45 25.19 14.28 33.49
N GLU C 46 26.07 15.13 32.96
CA GLU C 46 26.47 15.06 31.56
C GLU C 46 25.23 14.98 30.68
N VAL C 47 25.32 14.16 29.62
CA VAL C 47 24.19 13.87 28.72
C VAL C 47 23.50 15.18 28.32
N VAL C 48 22.50 15.58 29.10
CA VAL C 48 21.69 16.75 28.83
C VAL C 48 22.55 18.00 28.75
N MLY C 49 23.47 18.14 29.70
CA MLY C 49 24.41 19.25 29.70
CB MLY C 49 25.29 19.22 30.96
CG MLY C 49 26.76 19.54 30.73
CD MLY C 49 27.47 20.10 31.95
CE MLY C 49 26.80 21.36 32.47
NZ MLY C 49 27.64 22.18 33.31
CH1 MLY C 49 28.81 22.62 32.58
CH2 MLY C 49 28.02 21.50 34.53
C MLY C 49 25.27 19.22 28.45
O MLY C 49 25.45 20.24 27.79
N MLY C 50 25.80 18.04 28.12
CA MLY C 50 26.69 17.88 26.98
CB MLY C 50 27.30 16.48 26.96
CG MLY C 50 28.51 16.32 27.87
CD MLY C 50 29.64 17.30 27.57
CE MLY C 50 30.91 16.59 27.13
NZ MLY C 50 31.25 16.78 25.73
CH1 MLY C 50 32.67 16.68 25.53
CH2 MLY C 50 30.55 15.87 24.86
C MLY C 50 25.97 18.15 25.67
O MLY C 50 26.45 18.93 24.84
N ALA C 51 24.83 17.51 25.49
CA ALA C 51 24.00 17.69 24.29
C ALA C 51 23.71 19.16 24.04
N LEU C 52 23.42 19.88 25.12
CA LEU C 52 23.22 21.32 25.02
C LEU C 52 24.53 22.02 24.71
N GLU C 53 25.59 21.70 25.47
CA GLU C 53 26.91 22.30 25.23
C GLU C 53 27.36 22.06 23.79
N GLU C 54 27.21 20.83 23.30
CA GLU C 54 27.63 20.52 21.94
C GLU C 54 26.77 21.26 20.92
N ALA C 55 25.46 21.30 21.16
CA ALA C 55 24.56 22.05 20.28
C ALA C 55 24.86 23.56 20.34
N LEU C 56 25.36 24.05 21.47
CA LEU C 56 25.76 25.44 21.63
C LEU C 56 26.99 25.78 20.81
N MLY C 57 27.76 24.74 20.46
CA MLY C 57 28.99 24.94 19.72
CB MLY C 57 30.18 24.35 20.49
CG MLY C 57 31.01 25.37 21.25
CD MLY C 57 31.62 26.47 20.37
CE MLY C 57 32.60 27.34 21.15
NZ MLY C 57 33.14 28.45 20.40
CH1 MLY C 57 33.98 29.27 21.25
CH2 MLY C 57 32.13 29.26 19.77
C MLY C 57 28.91 24.31 18.34
O MLY C 57 29.93 24.13 17.67
N SER C 58 27.70 23.99 17.91
CA SER C 58 27.50 23.35 16.60
C SER C 58 26.88 24.33 15.60
N MLY C 59 27.26 24.21 14.34
CA MLY C 59 26.80 25.12 13.30
CB MLY C 59 27.99 25.69 12.51
CG MLY C 59 28.93 26.60 13.31
CD MLY C 59 29.96 25.87 14.18
CE MLY C 59 31.21 25.45 13.41
NZ MLY C 59 31.02 24.33 12.51
CH1 MLY C 59 32.25 24.02 11.82
CH2 MLY C 59 30.52 23.15 13.18
C MLY C 59 25.83 24.42 12.36
O MLY C 59 25.57 24.90 11.25
N ASN C 60 25.31 23.28 12.80
CA ASN C 60 24.43 22.45 11.97
C ASN C 60 23.08 22.29 12.65
N GLU C 61 22.01 22.74 11.99
CA GLU C 61 20.69 22.67 12.59
C GLU C 61 20.27 21.23 12.87
N GLU C 62 20.64 20.31 11.98
CA GLU C 62 20.27 18.91 12.14
C GLU C 62 21.04 18.28 13.30
N MLY C 63 22.23 18.79 13.56
CA MLY C 63 23.03 18.33 14.70
CB MLY C 63 24.47 18.80 14.57
CG MLY C 63 25.48 17.67 14.39
CD MLY C 63 26.93 18.12 14.37
CE MLY C 63 27.57 18.09 15.76
NZ MLY C 63 29.00 18.33 15.75
CH1 MLY C 63 29.72 17.08 15.63
CH2 MLY C 63 29.45 19.07 16.92
C MLY C 63 22.42 18.84 16.00
O MLY C 63 22.32 18.09 16.97
N ILE C 64 22.02 20.10 16.01
CA ILE C 64 21.43 20.71 17.20
C ILE C 64 20.07 20.07 17.48
N GLU C 65 19.30 19.81 16.42
CA GLU C 65 17.99 19.18 16.60
C GLU C 65 18.14 17.77 17.15
N LEU C 66 19.10 17.00 16.63
CA LEU C 66 19.30 15.64 17.11
C LEU C 66 19.82 15.63 18.54
N LEU C 67 20.71 16.56 18.88
CA LEU C 67 21.22 16.65 20.24
C LEU C 67 20.12 17.03 21.23
N LEU C 68 19.28 18.01 20.86
CA LEU C 68 18.19 18.42 21.74
C LEU C 68 17.11 17.34 21.81
N LEU C 69 16.86 16.64 20.69
CA LEU C 69 15.92 15.53 20.72
C LEU C 69 16.39 14.43 21.65
N VAL C 70 17.70 14.33 21.87
CA VAL C 70 18.24 13.36 22.82
C VAL C 70 18.03 13.83 24.26
N ALA C 71 18.33 15.10 24.53
CA ALA C 71 18.14 15.63 25.87
C ALA C 71 16.69 15.54 26.33
N VAL C 72 15.75 15.71 25.39
CA VAL C 72 14.34 15.53 25.72
C VAL C 72 14.04 14.04 25.91
N LEU C 73 14.59 13.19 25.05
CA LEU C 73 14.37 11.76 25.15
C LEU C 73 14.92 11.20 26.46
N VAL C 74 16.05 11.74 26.92
CA VAL C 74 16.67 11.24 28.15
C VAL C 74 15.96 11.81 29.38
N ALA C 75 15.56 13.08 29.33
CA ALA C 75 14.95 13.71 30.50
C ALA C 75 13.56 13.17 30.78
N GLU C 76 12.68 13.18 29.77
CA GLU C 76 11.31 12.74 29.97
C GLU C 76 11.20 11.24 30.25
N ALA C 77 12.26 10.47 29.97
CA ALA C 77 12.20 9.03 30.17
C ALA C 77 12.35 8.67 31.65
N GLY C 78 13.52 8.93 32.21
CA GLY C 78 13.81 8.58 33.59
C GLY C 78 14.57 7.28 33.78
N SER C 79 15.28 6.78 32.74
CA SER C 79 16.04 5.54 32.82
C SER C 79 16.98 5.45 31.62
N VAL C 80 18.28 5.61 31.87
CA VAL C 80 19.30 5.43 30.84
C VAL C 80 19.50 3.92 30.61
N ASP C 81 19.02 3.09 31.53
CA ASP C 81 19.05 1.64 31.34
C ASP C 81 17.75 1.08 30.77
N ALA C 82 16.82 1.93 30.32
CA ALA C 82 15.64 1.50 29.60
C ALA C 82 15.38 2.31 28.34
N VAL C 83 16.09 3.40 28.13
CA VAL C 83 15.97 4.23 26.93
C VAL C 83 17.37 4.54 26.41
N GLU C 84 18.02 3.52 25.84
CA GLU C 84 19.41 3.61 25.43
C GLU C 84 19.68 3.08 24.02
N GLU C 85 18.82 2.22 23.49
CA GLU C 85 18.88 1.83 22.09
C GLU C 85 18.68 3.05 21.19
N MLY C 86 17.74 3.90 21.58
CA MLY C 86 17.47 5.14 20.85
CB MLY C 86 16.15 5.76 21.33
CG MLY C 86 15.34 4.89 22.28
CD MLY C 86 14.00 5.50 22.67
CE MLY C 86 12.82 4.85 21.97
NZ MLY C 86 11.64 5.69 21.86
CH1 MLY C 86 11.14 6.03 23.17
CH2 MLY C 86 11.90 6.89 21.09
C MLY C 86 18.62 6.14 21.03
O MLY C 86 18.89 6.96 20.15
N LEU C 87 19.30 6.04 22.17
CA LEU C 87 20.42 6.92 22.47
C LEU C 87 21.66 6.47 21.68
N GLU C 88 21.79 5.16 21.48
CA GLU C 88 22.90 4.65 20.67
C GLU C 88 22.75 5.06 19.21
N ILE C 89 21.52 5.06 18.70
CA ILE C 89 21.27 5.51 17.33
C ILE C 89 21.82 6.92 17.13
N ALA C 90 21.59 7.80 18.10
CA ALA C 90 22.15 9.14 18.06
C ALA C 90 23.67 9.07 17.93
N LEU C 91 24.33 8.66 19.02
CA LEU C 91 25.80 8.68 19.10
C LEU C 91 26.46 8.09 17.86
N LEU C 92 25.83 7.11 17.22
CA LEU C 92 26.35 6.56 15.98
C LEU C 92 26.29 7.60 14.86
N ALA C 93 25.16 8.29 14.72
CA ALA C 93 25.02 9.29 13.67
C ALA C 93 25.90 10.50 13.94
N LEU C 94 26.10 10.85 15.22
CA LEU C 94 26.95 11.96 15.57
C LEU C 94 28.40 11.68 15.16
N MLY C 95 28.88 10.48 15.46
CA MLY C 95 30.24 10.11 15.12
CB MLY C 95 30.69 8.88 15.92
CG MLY C 95 31.99 9.11 16.68
CD MLY C 95 32.34 8.05 17.72
CE MLY C 95 33.29 8.59 18.78
NZ MLY C 95 34.57 9.05 18.26
CH1 MLY C 95 35.11 10.11 19.09
CH2 MLY C 95 35.55 7.99 18.14
C MLY C 95 30.40 9.86 13.62
O MLY C 95 31.50 9.99 13.08
N LEU C 96 29.30 9.52 12.96
CA LEU C 96 29.30 9.37 11.52
C LEU C 96 29.48 10.72 10.84
N ALA C 97 28.89 11.75 11.44
CA ALA C 97 28.93 13.09 10.85
C ALA C 97 30.33 13.67 10.88
N GLU C 98 31.07 13.44 11.97
CA GLU C 98 32.42 13.97 12.08
C GLU C 98 33.43 13.11 11.34
N GLU C 99 33.16 11.81 11.19
CA GLU C 99 34.07 10.91 10.50
C GLU C 99 34.04 11.09 8.99
N SER C 100 32.97 11.69 8.45
CA SER C 100 32.89 11.93 7.02
C SER C 100 32.85 13.42 6.72
N MLY C 101 33.41 13.81 5.58
CA MLY C 101 33.42 15.20 5.15
CB MLY C 101 34.84 15.64 4.78
CG MLY C 101 35.93 14.61 5.07
CD MLY C 101 36.40 14.56 6.52
CE MLY C 101 37.40 13.42 6.73
NZ MLY C 101 37.56 12.99 8.12
CH1 MLY C 101 38.08 11.64 8.16
CH2 MLY C 101 38.40 13.88 8.88
C MLY C 101 32.47 15.37 3.97
O MLY C 101 32.36 16.45 3.40
N ASP C 102 31.78 14.29 3.63
CA ASP C 102 30.77 14.28 2.59
C ASP C 102 29.45 14.82 3.15
N PRO C 103 28.99 15.95 2.63
CA PRO C 103 27.74 16.53 3.14
C PRO C 103 26.54 15.60 3.00
N ARG C 104 26.48 14.81 1.94
CA ARG C 104 25.36 13.87 1.77
C ARG C 104 25.36 12.84 2.88
N ILE C 105 26.54 12.38 3.30
CA ILE C 105 26.62 11.39 4.37
C ILE C 105 26.24 12.02 5.71
N ILE C 106 26.71 13.24 5.96
CA ILE C 106 26.37 13.93 7.20
C ILE C 106 24.86 14.17 7.26
N ARG C 107 24.28 14.66 6.16
CA ARG C 107 22.84 14.86 6.10
C ARG C 107 22.08 13.55 6.25
N GLY C 108 22.55 12.50 5.57
CA GLY C 108 21.83 11.24 5.59
C GLY C 108 21.80 10.59 6.97
N ALA C 109 22.94 10.62 7.68
CA ALA C 109 23.02 9.94 8.97
C ALA C 109 22.21 10.66 10.03
N LEU C 110 22.26 11.99 10.04
CA LEU C 110 21.54 12.75 11.06
C LEU C 110 20.03 12.71 10.83
N ARG C 111 19.61 12.95 9.58
CA ARG C 111 18.18 12.93 9.26
C ARG C 111 17.58 11.55 9.53
N ALA C 112 18.34 10.49 9.25
CA ALA C 112 17.85 9.14 9.53
C ALA C 112 17.72 8.90 11.03
N ALA C 113 18.66 9.45 11.81
CA ALA C 113 18.58 9.31 13.26
C ALA C 113 17.41 10.11 13.83
N ILE C 114 17.24 11.35 13.38
CA ILE C 114 16.12 12.17 13.86
C ILE C 114 14.80 11.53 13.51
N ALA C 115 14.67 11.05 12.27
CA ALA C 115 13.42 10.39 11.87
C ALA C 115 13.18 9.11 12.66
N ALA C 116 14.25 8.36 12.94
CA ALA C 116 14.09 7.13 13.71
C ALA C 116 13.66 7.44 15.14
N LEU C 117 14.21 8.50 15.74
CA LEU C 117 13.85 8.85 17.11
C LEU C 117 12.44 9.41 17.20
N ARG C 118 12.00 10.16 16.19
CA ARG C 118 10.64 10.70 16.20
C ARG C 118 9.60 9.58 16.21
N SER C 119 9.90 8.46 15.56
CA SER C 119 9.03 7.29 15.65
C SER C 119 9.37 6.47 16.88
N ASP C 120 8.34 5.96 17.54
CA ASP C 120 8.51 5.10 18.72
C ASP C 120 8.50 3.62 18.36
N ASP C 121 8.78 3.29 17.11
CA ASP C 121 8.76 1.90 16.67
C ASP C 121 10.08 1.23 17.02
N PRO C 122 10.08 0.16 17.82
CA PRO C 122 11.35 -0.53 18.12
C PRO C 122 11.98 -1.16 16.90
N LEU C 123 11.18 -1.67 15.95
CA LEU C 123 11.74 -2.23 14.72
C LEU C 123 12.52 -1.17 13.95
N ALA C 124 11.92 0.00 13.74
CA ALA C 124 12.61 1.06 13.02
C ALA C 124 13.88 1.48 13.75
N LEU C 125 13.83 1.56 15.08
CA LEU C 125 15.00 1.87 15.87
C LEU C 125 16.06 0.76 15.73
N MLY C 126 15.63 -0.49 15.83
CA MLY C 126 16.53 -1.63 15.68
CB MLY C 126 15.78 -2.95 15.93
CG MLY C 126 16.37 -3.82 17.03
CD MLY C 126 17.45 -4.79 16.56
CE MLY C 126 16.87 -5.99 15.82
NZ MLY C 126 17.76 -7.14 15.74
CH1 MLY C 126 17.74 -7.89 16.97
CH2 MLY C 126 17.47 -8.00 14.62
C MLY C 126 17.16 -1.64 14.29
O MLY C 126 18.35 -1.88 14.14
N THR C 127 16.35 -1.36 13.28
CA THR C 127 16.82 -1.37 11.90
C THR C 127 17.83 -0.26 11.66
N VAL C 128 17.51 0.95 12.11
CA VAL C 128 18.39 2.10 11.92
C VAL C 128 19.69 1.93 12.72
N MLY C 129 19.58 1.45 13.96
CA MLY C 129 20.74 1.23 14.81
CB MLY C 129 20.34 0.63 16.16
CG MLY C 129 21.45 0.65 17.21
CD MLY C 129 21.40 -0.49 18.22
CE MLY C 129 22.32 -1.65 17.82
NZ MLY C 129 22.35 -2.75 18.77
CH1 MLY C 129 22.53 -4.01 18.09
CH2 MLY C 129 23.37 -2.58 19.78
C MLY C 129 21.77 0.32 14.14
O MLY C 129 22.94 0.67 14.02
N GLU C 130 21.30 -0.84 13.69
CA GLU C 130 22.18 -1.83 13.07
C GLU C 130 22.65 -1.36 11.69
N ALA C 131 21.84 -0.51 11.05
CA ALA C 131 22.26 0.06 9.77
C ALA C 131 23.41 1.04 9.95
N LEU C 132 23.26 1.97 10.90
CA LEU C 132 24.35 2.91 11.20
C LEU C 132 25.55 2.21 11.78
N GLU C 133 25.33 1.08 12.49
CA GLU C 133 26.44 0.33 13.07
C GLU C 133 27.26 -0.35 11.98
N ARG C 134 26.59 -0.98 11.02
CA ARG C 134 27.30 -1.58 9.89
C ARG C 134 27.97 -0.52 9.03
N ALA C 135 27.31 0.61 8.85
CA ALA C 135 27.85 1.68 8.01
C ALA C 135 29.14 2.24 8.59
N ARG C 136 29.16 2.50 9.90
CA ARG C 136 30.34 3.07 10.53
C ARG C 136 31.43 2.03 10.75
N ALA C 137 31.04 0.74 10.83
CA ALA C 137 32.01 -0.32 10.98
C ALA C 137 32.87 -0.46 9.73
N SER C 138 32.24 -0.66 8.58
CA SER C 138 32.96 -0.70 7.32
C SER C 138 33.48 0.68 6.98
N MLY C 139 34.71 0.77 6.51
CA MLY C 139 35.32 2.06 6.19
CB MLY C 139 36.81 2.06 6.56
CG MLY C 139 37.24 3.19 7.50
CD MLY C 139 36.73 3.05 8.93
CE MLY C 139 37.30 4.14 9.84
NZ MLY C 139 36.89 4.07 11.22
CH1 MLY C 139 37.23 2.78 11.81
CH2 MLY C 139 37.47 5.13 12.02
C MLY C 139 35.15 2.42 4.71
O MLY C 139 35.82 3.31 4.19
N ASP C 140 34.24 1.70 4.04
CA ASP C 140 33.93 1.97 2.63
C ASP C 140 32.92 3.09 2.48
N GLU C 141 33.33 4.19 1.82
CA GLU C 141 32.41 5.31 1.63
C GLU C 141 31.32 4.99 0.62
N ARG C 142 31.62 4.19 -0.40
CA ARG C 142 30.58 3.81 -1.35
C ARG C 142 29.51 2.97 -0.68
N LEU C 143 29.91 2.11 0.26
CA LEU C 143 28.95 1.24 0.94
C LEU C 143 28.04 2.05 1.86
N ILE C 144 28.61 2.92 2.69
CA ILE C 144 27.81 3.66 3.66
C ILE C 144 26.82 4.57 2.96
N ARG C 145 27.19 5.12 1.80
CA ARG C 145 26.22 5.90 1.03
C ARG C 145 25.03 5.05 0.61
N ALA C 146 25.29 3.80 0.21
CA ALA C 146 24.19 2.89 -0.08
C ALA C 146 23.42 2.54 1.19
N ILE C 147 24.13 2.36 2.31
CA ILE C 147 23.47 2.01 3.56
C ILE C 147 22.60 3.16 4.05
N LEU C 148 23.12 4.40 3.96
CA LEU C 148 22.32 5.54 4.40
C LEU C 148 21.12 5.76 3.50
N ALA C 149 21.24 5.44 2.21
CA ALA C 149 20.08 5.58 1.31
C ALA C 149 18.95 4.67 1.73
N ALA C 150 19.27 3.45 2.19
CA ALA C 150 18.24 2.55 2.69
C ALA C 150 17.72 3.03 4.05
N ALA C 151 18.64 3.40 4.95
CA ALA C 151 18.24 3.82 6.29
C ALA C 151 17.43 5.11 6.25
N TYR C 152 17.81 6.06 5.39
CA TYR C 152 17.06 7.31 5.29
C TYR C 152 15.65 7.08 4.78
N ALA C 153 15.51 6.21 3.77
CA ALA C 153 14.19 5.94 3.21
C ALA C 153 13.32 5.17 4.19
N PHE C 154 13.90 4.18 4.87
CA PHE C 154 13.14 3.41 5.85
C PHE C 154 12.75 4.26 7.05
N ALA C 155 13.58 5.23 7.42
CA ALA C 155 13.23 6.13 8.52
C ALA C 155 12.11 7.07 8.10
N LEU C 156 12.09 7.49 6.84
CA LEU C 156 10.98 8.30 6.34
C LEU C 156 9.66 7.55 6.45
N LEU C 157 9.66 6.26 6.13
CA LEU C 157 8.45 5.46 6.26
C LEU C 157 8.01 5.35 7.70
N ALA C 158 8.94 5.44 8.65
CA ALA C 158 8.60 5.24 10.06
C ALA C 158 7.79 6.41 10.60
N VAL C 159 8.21 7.65 10.30
CA VAL C 159 7.54 8.82 10.84
C VAL C 159 6.17 9.00 10.21
N ALA C 160 6.01 8.62 8.95
CA ALA C 160 4.73 8.75 8.25
C ALA C 160 3.84 7.53 8.53
N GLY C 161 3.50 7.37 9.80
CA GLY C 161 2.78 6.18 10.24
C GLY C 161 3.67 4.96 10.14
N ALA C 162 3.12 3.81 10.55
CA ALA C 162 3.90 2.58 10.52
C ALA C 162 2.95 1.38 10.57
N SER C 163 2.62 0.85 9.41
CA SER C 163 1.99 -0.46 9.33
C SER C 163 3.04 -1.51 9.70
N ALA C 164 2.94 -2.07 10.91
CA ALA C 164 3.98 -2.96 11.41
C ALA C 164 4.18 -4.15 10.49
N GLU C 165 3.11 -4.64 9.86
CA GLU C 165 3.26 -5.65 8.82
C GLU C 165 4.10 -5.11 7.66
N ARG C 166 3.67 -3.99 7.07
CA ARG C 166 4.37 -3.47 5.89
C ARG C 166 5.74 -2.91 6.24
N LEU C 167 5.94 -2.48 7.48
CA LEU C 167 7.23 -1.93 7.90
C LEU C 167 8.25 -3.06 7.98
N MLY C 168 7.82 -4.23 8.45
CA MLY C 168 8.66 -5.42 8.42
CB MLY C 168 7.97 -6.60 9.13
CG MLY C 168 7.95 -6.58 10.65
CD MLY C 168 7.34 -7.86 11.23
CE MLY C 168 6.70 -7.64 12.60
NZ MLY C 168 5.79 -8.70 13.00
CH1 MLY C 168 4.54 -8.62 12.26
CH2 MLY C 168 6.35 -10.03 12.88
C MLY C 168 8.98 -5.79 6.98
O MLY C 168 10.09 -6.20 6.66
N GLU C 169 7.98 -5.62 6.12
CA GLU C 169 8.12 -5.93 4.70
C GLU C 169 9.09 -4.96 4.04
N ALA C 170 9.06 -3.71 4.48
CA ALA C 170 10.04 -2.73 4.00
C ALA C 170 11.42 -3.03 4.55
N GLU C 171 11.50 -3.48 5.80
CA GLU C 171 12.78 -3.84 6.39
C GLU C 171 13.41 -5.03 5.69
N ALA C 172 12.59 -5.93 5.14
CA ALA C 172 13.14 -7.02 4.33
C ALA C 172 13.84 -6.48 3.10
N ILE C 173 13.39 -5.35 2.56
CA ILE C 173 14.07 -4.75 1.42
C ILE C 173 15.31 -3.97 1.88
N VAL C 174 15.31 -3.49 3.12
CA VAL C 174 16.49 -2.83 3.69
C VAL C 174 17.64 -3.84 3.77
N MLY C 175 17.35 -5.00 4.34
CA MLY C 175 18.32 -6.07 4.43
CB MLY C 175 17.71 -7.31 5.12
CG MLY C 175 17.67 -7.26 6.64
CD MLY C 175 17.33 -8.61 7.27
CE MLY C 175 16.84 -8.51 8.70
NZ MLY C 175 17.88 -8.61 9.72
CH1 MLY C 175 18.08 -7.34 10.38
CH2 MLY C 175 17.58 -9.64 10.70
C MLY C 175 18.83 -6.45 3.04
O MLY C 175 20.02 -6.69 2.85
N GLU C 176 17.91 -6.49 2.08
CA GLU C 176 18.25 -6.82 0.70
C GLU C 176 19.17 -5.76 0.11
N LEU C 177 18.87 -4.50 0.40
CA LEU C 177 19.66 -3.39 -0.12
C LEU C 177 21.12 -3.53 0.29
N ILE C 178 21.38 -3.62 1.60
CA ILE C 178 22.76 -3.66 2.08
C ILE C 178 23.48 -4.90 1.56
N ALA C 179 22.75 -6.01 1.39
CA ALA C 179 23.38 -7.23 0.90
C ALA C 179 23.81 -7.09 -0.55
N ALA C 180 23.01 -6.38 -1.36
CA ALA C 180 23.40 -6.14 -2.74
C ALA C 180 24.55 -5.14 -2.82
N ALA C 181 24.56 -4.14 -1.94
CA ALA C 181 25.64 -3.16 -1.93
C ALA C 181 26.97 -3.80 -1.53
N GLU C 182 26.95 -4.82 -0.67
CA GLU C 182 28.16 -5.53 -0.29
C GLU C 182 28.76 -6.24 -1.49
N MLY C 183 27.90 -6.78 -2.35
CA MLY C 183 28.32 -7.52 -3.53
CB MLY C 183 27.33 -8.62 -3.86
CG MLY C 183 27.17 -9.66 -2.75
CD MLY C 183 26.21 -10.79 -3.09
CE MLY C 183 26.25 -11.88 -2.03
NZ MLY C 183 24.97 -12.17 -1.40
CH1 MLY C 183 25.18 -12.95 -0.19
CH2 MLY C 183 24.19 -10.99 -1.10
C MLY C 183 28.51 -6.59 -4.73
O MLY C 183 28.50 -7.05 -5.89
N GLY C 184 28.67 -5.31 -4.46
CA GLY C 184 28.97 -4.33 -5.50
C GLY C 184 27.92 -4.17 -6.57
N ALA C 185 26.65 -4.12 -6.15
CA ALA C 185 25.59 -3.81 -7.09
C ALA C 185 25.73 -2.37 -7.58
N SER C 186 25.31 -2.15 -8.82
CA SER C 186 25.41 -0.82 -9.39
C SER C 186 24.47 0.15 -8.66
N PRO C 187 24.80 1.44 -8.62
CA PRO C 187 23.93 2.41 -7.95
C PRO C 187 22.54 2.46 -8.55
N GLN C 188 22.39 2.10 -9.82
CA GLN C 188 21.05 1.93 -10.37
C GLN C 188 20.27 0.87 -9.58
N GLU C 189 20.73 -0.38 -9.62
CA GLU C 189 20.01 -1.48 -8.98
C GLU C 189 19.67 -1.21 -7.53
N LEU C 190 20.51 -0.44 -6.83
CA LEU C 190 20.23 -0.11 -5.43
C LEU C 190 19.11 0.93 -5.33
N VAL C 191 19.05 1.86 -6.28
CA VAL C 191 17.94 2.82 -6.29
C VAL C 191 16.62 2.10 -6.55
N LEU C 192 16.64 1.10 -7.44
CA LEU C 192 15.46 0.28 -7.67
C LEU C 192 14.97 -0.39 -6.39
N LEU C 193 15.88 -0.78 -5.50
CA LEU C 193 15.47 -1.41 -4.26
C LEU C 193 14.92 -0.41 -3.27
N VAL C 194 15.33 0.86 -3.37
CA VAL C 194 14.71 1.89 -2.55
C VAL C 194 13.27 2.13 -2.99
N ILE C 195 13.04 2.12 -4.30
CA ILE C 195 11.68 2.24 -4.82
C ILE C 195 10.86 1.02 -4.39
N GLU C 196 11.43 -0.17 -4.52
CA GLU C 196 10.75 -1.38 -4.05
C GLU C 196 10.44 -1.30 -2.57
N MET C 197 11.38 -0.81 -1.77
CA MET C 197 11.15 -0.70 -0.33
C MET C 197 10.01 0.25 -0.02
N MET C 198 9.79 1.25 -0.88
CA MET C 198 8.79 2.26 -0.59
C MET C 198 7.37 1.78 -0.92
N VAL C 199 7.18 1.11 -2.05
CA VAL C 199 5.83 0.67 -2.41
C VAL C 199 5.46 -0.57 -1.61
N MLY C 200 6.47 -1.30 -1.14
CA MLY C 200 6.21 -2.47 -0.33
CB MLY C 200 7.40 -3.44 -0.33
CG MLY C 200 7.05 -4.88 -0.66
CD MLY C 200 6.38 -5.08 -2.01
CE MLY C 200 7.39 -5.22 -3.15
NZ MLY C 200 6.84 -5.77 -4.38
CH1 MLY C 200 7.87 -5.88 -5.40
CH2 MLY C 200 5.72 -5.02 -4.88
C MLY C 200 5.88 -2.02 1.09
O MLY C 200 5.15 -2.69 1.82
N GLY C 201 6.41 -0.86 1.46
CA GLY C 201 6.16 -0.30 2.77
C GLY C 201 4.84 0.43 2.88
N MET C 202 4.21 0.71 1.74
CA MET C 202 2.94 1.42 1.71
C MET C 202 1.82 0.63 1.03
N GLY C 203 2.04 -0.65 0.74
CA GLY C 203 1.02 -1.51 0.18
C GLY C 203 0.49 -1.07 -1.17
N VAL C 204 1.38 -0.90 -2.15
CA VAL C 204 1.02 -0.38 -3.46
C VAL C 204 1.57 -1.31 -4.54
N THR C 205 0.84 -1.39 -5.65
CA THR C 205 1.25 -2.21 -6.79
C THR C 205 2.26 -1.47 -7.65
N MET C 206 3.31 -2.16 -8.04
CA MET C 206 4.39 -1.60 -8.84
C MET C 206 4.53 -2.39 -10.14
N GLU C 207 4.96 -1.69 -11.20
CA GLU C 207 5.19 -2.29 -12.51
C GLU C 207 6.54 -1.84 -13.03
N THR C 208 7.39 -2.79 -13.42
CA THR C 208 8.76 -2.52 -13.81
C THR C 208 9.00 -2.93 -15.25
N HIS C 209 9.68 -2.07 -16.01
CA HIS C 209 9.99 -2.29 -17.42
C HIS C 209 11.48 -2.08 -17.63
N ARG C 210 12.17 -3.08 -18.18
CA ARG C 210 13.61 -3.03 -18.39
C ARG C 210 13.87 -2.87 -19.89
N SER C 211 13.84 -1.61 -20.34
CA SER C 211 14.01 -1.27 -21.76
C SER C 211 15.40 -0.68 -21.96
N GLY C 212 16.26 -1.43 -22.66
CA GLY C 212 17.59 -0.93 -22.94
C GLY C 212 18.43 -0.89 -21.67
N ASN C 213 19.02 0.28 -21.39
CA ASN C 213 19.80 0.47 -20.18
C ASN C 213 18.98 1.06 -19.05
N GLU C 214 18.00 1.89 -19.36
CA GLU C 214 17.15 2.49 -18.34
C GLU C 214 16.04 1.53 -17.93
N VAL C 215 15.50 1.75 -16.74
CA VAL C 215 14.34 0.99 -16.29
C VAL C 215 13.19 1.94 -15.97
N MLY C 216 11.96 1.48 -16.21
CA MLY C 216 10.79 2.30 -15.93
CB MLY C 216 9.98 2.53 -17.21
CG MLY C 216 8.79 3.47 -16.97
CD MLY C 216 8.25 4.11 -18.25
CE MLY C 216 7.51 3.11 -19.13
NZ MLY C 216 7.15 3.65 -20.43
CH1 MLY C 216 6.52 2.63 -21.24
CH2 MLY C 216 8.27 4.23 -21.14
C MLY C 216 9.92 1.64 -14.87
O MLY C 216 9.51 0.49 -14.99
N VAL C 217 9.64 2.40 -13.81
CA VAL C 217 8.85 1.92 -12.69
C VAL C 217 7.54 2.70 -12.61
N VAL C 218 6.42 2.00 -12.64
CA VAL C 218 5.10 2.62 -12.59
C VAL C 218 4.46 2.30 -11.24
N ILE C 219 4.00 3.34 -10.55
CA ILE C 219 3.39 3.20 -9.23
C ILE C 219 1.92 3.58 -9.29
N MLY C 220 1.09 2.92 -8.49
CA MLY C 220 -0.36 3.15 -8.55
CB MLY C 220 -1.09 1.84 -8.81
CG MLY C 220 -0.86 1.29 -10.21
CD MLY C 220 -2.09 0.62 -10.83
CE MLY C 220 -2.27 -0.81 -10.35
NZ MLY C 220 -2.97 -1.66 -11.28
CH1 MLY C 220 -3.17 -2.99 -10.73
CH2 MLY C 220 -2.31 -1.75 -12.56
C MLY C 220 -0.91 3.82 -7.29
O MLY C 220 -0.55 4.95 -6.96
N GLY C 221 -1.80 3.10 -6.59
CA GLY C 221 -2.64 3.67 -5.54
C GLY C 221 -2.03 4.51 -4.43
N LEU C 222 -1.38 5.62 -4.81
CA LEU C 222 -0.78 6.54 -3.86
C LEU C 222 -1.70 7.73 -3.63
N HIS C 223 -1.69 8.26 -2.41
CA HIS C 223 -2.31 9.54 -2.12
C HIS C 223 -1.22 10.58 -1.87
N GLU C 224 -1.66 11.81 -1.60
CA GLU C 224 -0.73 12.95 -1.61
C GLU C 224 0.35 12.82 -0.55
N SER C 225 0.01 12.26 0.62
CA SER C 225 1.00 12.13 1.67
C SER C 225 2.07 11.10 1.33
N GLN C 226 1.71 10.07 0.57
CA GLN C 226 2.68 9.03 0.25
C GLN C 226 3.57 9.40 -0.93
N GLN C 227 3.02 10.14 -1.90
CA GLN C 227 3.84 10.58 -3.03
C GLN C 227 4.99 11.47 -2.55
N GLU C 228 4.77 12.26 -1.50
CA GLU C 228 5.83 13.10 -0.97
C GLU C 228 6.95 12.25 -0.36
N VAL C 229 6.60 11.18 0.33
CA VAL C 229 7.61 10.32 0.92
C VAL C 229 8.37 9.56 -0.16
N LEU C 230 7.66 9.08 -1.19
CA LEU C 230 8.33 8.42 -2.31
C LEU C 230 9.27 9.39 -3.02
N LEU C 231 8.86 10.65 -3.15
CA LEU C 231 9.70 11.63 -3.85
C LEU C 231 10.98 11.92 -3.08
N GLU C 232 10.86 12.17 -1.78
CA GLU C 232 12.04 12.50 -0.97
C GLU C 232 13.01 11.33 -0.90
N ALA C 233 12.48 10.12 -0.69
CA ALA C 233 13.35 8.96 -0.51
C ALA C 233 14.09 8.62 -1.80
N VAL C 234 13.41 8.68 -2.94
CA VAL C 234 14.05 8.34 -4.21
C VAL C 234 15.04 9.42 -4.62
N LEU C 235 14.71 10.69 -4.39
CA LEU C 235 15.62 11.76 -4.76
C LEU C 235 16.89 11.74 -3.92
N PHE C 236 16.78 11.36 -2.64
CA PHE C 236 17.96 11.35 -1.77
C PHE C 236 18.86 10.15 -2.06
N ALA C 237 18.27 8.98 -2.33
CA ALA C 237 19.07 7.83 -2.71
C ALA C 237 19.77 8.05 -4.05
N ALA C 238 19.09 8.74 -4.98
CA ALA C 238 19.70 9.03 -6.26
C ALA C 238 20.84 10.04 -6.12
N GLU C 239 20.69 11.00 -5.20
CA GLU C 239 21.76 11.96 -4.97
C GLU C 239 22.91 11.35 -4.17
N LEU C 240 22.61 10.42 -3.27
CA LEU C 240 23.67 9.78 -2.50
C LEU C 240 24.57 8.93 -3.39
N MET C 241 23.98 8.23 -4.36
CA MET C 241 24.73 7.29 -5.17
C MET C 241 24.93 7.76 -6.60
N GLY C 242 24.59 9.02 -6.90
CA GLY C 242 24.85 9.58 -8.21
C GLY C 242 24.11 8.92 -9.35
N VAL C 243 22.82 8.68 -9.16
CA VAL C 243 21.97 8.11 -10.19
C VAL C 243 21.09 9.21 -10.76
N ARG C 244 20.86 9.16 -12.07
CA ARG C 244 20.02 10.13 -12.77
C ARG C 244 18.63 9.53 -12.94
N VAL C 245 17.68 10.00 -12.13
CA VAL C 245 16.32 9.50 -12.18
C VAL C 245 15.38 10.62 -12.62
N ARG C 246 14.33 10.22 -13.34
CA ARG C 246 13.28 11.13 -13.78
C ARG C 246 11.98 10.65 -13.17
N ILE C 247 11.35 11.49 -12.36
CA ILE C 247 10.12 11.16 -11.66
C ILE C 247 8.99 12.00 -12.25
N ARG C 248 7.95 11.33 -12.74
CA ARG C 248 6.84 11.97 -13.43
C ARG C 248 5.55 11.74 -12.65
N PHE C 249 4.71 12.77 -12.61
CA PHE C 249 3.40 12.68 -11.97
C PHE C 249 2.29 13.06 -12.94
N MLY C 250 1.54 12.06 -13.40
CA MLY C 250 0.41 12.29 -14.28
CB MLY C 250 0.74 11.90 -15.73
CG MLY C 250 -0.05 12.67 -16.78
CD MLY C 250 -0.73 11.80 -17.84
CE MLY C 250 -2.20 11.57 -17.54
NZ MLY C 250 -3.09 12.61 -18.03
CH1 MLY C 250 -4.19 12.04 -18.77
CH2 MLY C 250 -3.59 13.47 -16.97
C MLY C 250 -0.81 11.50 -13.81
O MLY C 250 -0.79 10.28 -13.77
N GLY C 251 -1.86 12.23 -13.43
CA GLY C 251 -3.08 11.60 -12.96
C GLY C 251 -2.91 10.85 -11.64
N ASP C 252 -3.06 9.52 -11.71
CA ASP C 252 -2.96 8.67 -10.53
C ASP C 252 -1.79 7.69 -10.63
N THR C 253 -0.79 7.99 -11.46
CA THR C 253 0.36 7.12 -11.63
C THR C 253 1.64 7.92 -11.47
N VAL C 254 2.64 7.30 -10.84
CA VAL C 254 3.97 7.87 -10.71
C VAL C 254 4.91 7.02 -11.54
N THR C 255 5.62 7.67 -12.47
CA THR C 255 6.55 7.00 -13.37
C THR C 255 7.96 7.42 -13.03
N ILE C 256 8.80 6.45 -12.66
CA ILE C 256 10.19 6.70 -12.30
C ILE C 256 11.07 5.98 -13.32
N VAL C 257 11.98 6.73 -13.94
CA VAL C 257 12.93 6.18 -14.91
C VAL C 257 14.32 6.29 -14.30
N VAL C 258 14.90 5.14 -13.95
CA VAL C 258 16.24 5.07 -13.39
C VAL C 258 17.20 4.74 -14.52
N ARG C 259 18.07 5.69 -14.85
CA ARG C 259 18.95 5.57 -16.00
C ARG C 259 20.36 5.17 -15.57
N GLU C 260 21.02 4.41 -16.43
CA GLU C 260 22.40 3.97 -16.21
C GLU C 260 22.59 3.30 -14.85
N GLU D 4 -13.11 44.04 -8.64
CA GLU D 4 -13.48 42.65 -8.86
C GLU D 4 -12.25 41.74 -8.92
N GLU D 5 -11.11 42.32 -9.27
CA GLU D 5 -9.86 41.56 -9.37
C GLU D 5 -8.97 41.83 -8.16
N ALA D 6 -9.54 41.53 -6.98
CA ALA D 6 -8.75 41.51 -5.76
C ALA D 6 -7.84 40.30 -5.67
N VAL D 7 -7.98 39.34 -6.59
CA VAL D 7 -7.06 38.21 -6.64
C VAL D 7 -5.64 38.70 -6.91
N ARG D 8 -5.50 39.65 -7.84
CA ARG D 8 -4.18 40.20 -8.12
C ARG D 8 -3.69 41.09 -6.99
N ARG D 9 -4.60 41.78 -6.31
CA ARG D 9 -4.20 42.53 -5.11
C ARG D 9 -3.82 41.59 -3.98
N ARG D 10 -4.50 40.46 -3.88
CA ARG D 10 -4.13 39.46 -2.88
C ARG D 10 -2.81 38.78 -3.26
N PHE D 11 -2.62 38.51 -4.56
CA PHE D 11 -1.36 37.94 -5.02
C PHE D 11 -0.18 38.85 -4.70
N GLU D 12 -0.33 40.15 -4.98
CA GLU D 12 0.73 41.10 -4.66
C GLU D 12 0.98 41.19 -3.16
N GLU D 13 -0.08 41.06 -2.36
CA GLU D 13 0.09 41.10 -0.91
C GLU D 13 0.80 39.86 -0.41
N LEU D 14 0.56 38.71 -1.04
CA LEU D 14 1.28 37.50 -0.66
C LEU D 14 2.68 37.46 -1.25
N LEU D 15 2.85 37.98 -2.47
CA LEU D 15 4.17 38.04 -3.07
C LEU D 15 5.09 38.94 -2.25
N ARG D 16 4.53 40.03 -1.70
CA ARG D 16 5.31 40.87 -0.81
C ARG D 16 5.69 40.11 0.46
N GLU D 17 4.74 39.34 1.01
CA GLU D 17 5.04 38.52 2.18
C GLU D 17 6.00 37.39 1.84
N ALA D 18 5.96 36.89 0.60
CA ALA D 18 6.86 35.81 0.22
C ALA D 18 8.30 36.32 0.03
N LEU D 19 8.46 37.50 -0.56
CA LEU D 19 9.79 38.06 -0.77
C LEU D 19 10.45 38.51 0.53
N ALA D 20 9.70 38.58 1.63
CA ALA D 20 10.26 38.88 2.93
C ALA D 20 10.82 37.66 3.65
N PHE D 21 10.84 36.51 2.97
CA PHE D 21 11.42 35.31 3.56
C PHE D 21 12.92 35.48 3.79
N ARG D 22 13.66 35.76 2.71
CA ARG D 22 15.11 35.82 2.80
C ARG D 22 15.60 36.91 3.76
N GLU D 23 14.73 37.84 4.15
CA GLU D 23 15.13 38.88 5.09
C GLU D 23 15.25 38.32 6.50
N ARG D 24 14.27 37.52 6.92
CA ARG D 24 14.19 37.03 8.29
C ARG D 24 14.20 35.50 8.23
N THR D 25 13.22 34.84 8.84
CA THR D 25 13.10 33.37 8.87
C THR D 25 14.35 32.80 9.52
N GLY D 26 15.05 31.85 8.91
CA GLY D 26 16.19 31.19 9.52
C GLY D 26 16.02 29.69 9.55
N GLY D 27 14.93 29.22 10.15
CA GLY D 27 14.62 27.80 10.11
C GLY D 27 14.25 27.38 8.71
N ARG D 28 14.86 26.29 8.23
CA ARG D 28 14.60 25.82 6.88
C ARG D 28 13.19 25.25 6.75
N ARG D 29 12.84 24.31 7.64
CA ARG D 29 11.53 23.66 7.55
C ARG D 29 10.40 24.68 7.64
N GLU D 30 10.53 25.65 8.54
CA GLU D 30 9.48 26.65 8.73
C GLU D 30 9.27 27.48 7.47
N THR D 31 10.36 27.86 6.80
CA THR D 31 10.25 28.70 5.60
C THR D 31 9.45 28.01 4.51
N LEU D 32 9.68 26.71 4.32
CA LEU D 32 8.97 25.99 3.25
C LEU D 32 7.51 25.77 3.62
N GLU D 33 7.22 25.52 4.90
CA GLU D 33 5.84 25.35 5.33
C GLU D 33 5.04 26.64 5.15
N HIS D 34 5.63 27.77 5.56
CA HIS D 34 4.96 29.05 5.37
C HIS D 34 4.83 29.42 3.90
N ALA D 35 5.71 28.89 3.04
CA ALA D 35 5.60 29.15 1.62
C ALA D 35 4.38 28.45 1.02
N VAL D 36 4.24 27.15 1.27
CA VAL D 36 3.07 26.43 0.77
C VAL D 36 1.80 26.92 1.42
N ARG D 37 1.89 27.54 2.60
CA ARG D 37 0.71 28.15 3.21
C ARG D 37 0.27 29.38 2.43
N LEU D 38 1.24 30.18 1.97
CA LEU D 38 0.89 31.32 1.12
C LEU D 38 0.30 30.87 -0.21
N ALA D 39 0.86 29.81 -0.80
CA ALA D 39 0.29 29.27 -2.04
C ALA D 39 -1.12 28.76 -1.83
N ARG D 40 -1.42 28.25 -0.62
CA ARG D 40 -2.78 27.78 -0.34
C ARG D 40 -3.74 28.96 -0.16
N GLU D 41 -3.32 29.98 0.59
CA GLU D 41 -4.19 31.13 0.83
C GLU D 41 -4.55 31.83 -0.46
N LEU D 42 -3.63 31.83 -1.45
CA LEU D 42 -3.97 32.39 -2.75
C LEU D 42 -4.95 31.50 -3.48
N ALA D 43 -4.76 30.18 -3.40
CA ALA D 43 -5.66 29.25 -4.07
C ALA D 43 -7.07 29.36 -3.51
N GLU D 44 -7.21 29.30 -2.19
CA GLU D 44 -8.54 29.41 -1.58
C GLU D 44 -9.19 30.75 -1.83
N PHE D 45 -8.41 31.78 -2.16
CA PHE D 45 -8.98 33.10 -2.42
C PHE D 45 -9.49 33.22 -3.85
N ALA D 46 -8.68 32.78 -4.82
CA ALA D 46 -9.09 32.88 -6.22
C ALA D 46 -10.17 31.88 -6.58
N ALA D 47 -10.33 30.82 -5.79
CA ALA D 47 -11.46 29.92 -6.01
C ALA D 47 -12.77 30.58 -5.61
N SER D 48 -12.74 31.45 -4.59
CA SER D 48 -13.92 32.20 -4.18
C SER D 48 -14.24 33.35 -5.12
N HIS D 49 -13.43 33.57 -6.15
CA HIS D 49 -13.73 34.54 -7.21
C HIS D 49 -13.71 33.78 -8.53
N PRO D 50 -14.84 33.17 -8.92
CA PRO D 50 -14.85 32.34 -10.14
C PRO D 50 -14.61 33.12 -11.41
N GLU D 51 -14.70 34.46 -11.37
CA GLU D 51 -14.35 35.27 -12.53
C GLU D 51 -12.87 35.14 -12.86
N PHE D 52 -12.02 34.92 -11.86
CA PHE D 52 -10.59 34.80 -12.11
C PHE D 52 -10.28 33.46 -12.77
N ASN D 53 -9.38 33.49 -13.75
CA ASN D 53 -9.05 32.29 -14.50
C ASN D 53 -8.34 31.28 -13.62
N ARG D 54 -8.82 30.02 -13.66
CA ARG D 54 -8.29 29.00 -12.77
C ARG D 54 -6.86 28.60 -13.14
N GLN D 55 -6.52 28.68 -14.43
CA GLN D 55 -5.17 28.32 -14.85
C GLN D 55 -4.15 29.35 -14.38
N GLU D 56 -4.47 30.64 -14.54
CA GLU D 56 -3.55 31.68 -14.10
C GLU D 56 -3.35 31.66 -12.59
N ALA D 57 -4.34 31.18 -11.85
CA ALA D 57 -4.23 31.14 -10.40
C ALA D 57 -3.19 30.11 -9.97
N VAL D 58 -3.13 28.96 -10.63
CA VAL D 58 -2.09 27.98 -10.35
C VAL D 58 -0.72 28.54 -10.71
N LEU D 59 -0.64 29.30 -11.80
CA LEU D 59 0.62 29.91 -12.21
C LEU D 59 1.08 30.96 -11.18
N LEU D 60 0.16 31.76 -10.67
CA LEU D 60 0.52 32.74 -9.65
C LEU D 60 0.95 32.06 -8.36
N ALA D 61 0.29 30.96 -7.99
CA ALA D 61 0.71 30.20 -6.81
C ALA D 61 2.08 29.58 -7.02
N ILE D 62 2.41 29.20 -8.25
CA ILE D 62 3.74 28.67 -8.53
C ILE D 62 4.79 29.77 -8.42
N GLU D 63 4.51 30.94 -9.00
CA GLU D 63 5.41 32.08 -8.82
C GLU D 63 5.56 32.44 -7.35
N LEU D 64 4.48 32.34 -6.59
CA LEU D 64 4.55 32.59 -5.15
C LEU D 64 5.59 31.67 -4.50
N MET D 65 5.56 30.38 -4.85
CA MET D 65 6.53 29.44 -4.30
C MET D 65 7.94 29.74 -4.80
N VAL D 66 8.07 30.05 -6.09
CA VAL D 66 9.40 30.29 -6.67
C VAL D 66 10.06 31.48 -5.99
N ARG D 67 9.36 32.62 -5.95
CA ARG D 67 9.94 33.82 -5.35
C ARG D 67 10.19 33.63 -3.85
N ALA D 68 9.42 32.75 -3.20
CA ALA D 68 9.59 32.56 -1.76
C ALA D 68 10.82 31.73 -1.43
N MET D 69 11.07 30.66 -2.20
CA MET D 69 12.22 29.81 -1.96
C MET D 69 13.50 30.36 -2.57
N GLY D 70 13.40 31.38 -3.42
CA GLY D 70 14.59 31.96 -4.03
C GLY D 70 15.15 31.18 -5.19
N VAL D 71 14.28 30.57 -6.02
CA VAL D 71 14.72 29.84 -7.19
C VAL D 71 14.32 30.63 -8.43
N THR D 72 14.52 30.05 -9.62
CA THR D 72 14.25 30.73 -10.87
C THR D 72 13.10 30.05 -11.61
N MET D 73 12.55 30.77 -12.58
CA MET D 73 11.35 30.35 -13.29
C MET D 73 11.50 30.63 -14.77
N GLU D 74 10.92 29.77 -15.60
CA GLU D 74 10.89 29.95 -17.05
C GLU D 74 9.56 29.47 -17.57
N THR D 75 8.80 30.36 -18.20
CA THR D 75 7.43 30.09 -18.62
C THR D 75 7.39 29.81 -20.12
N HIS D 76 6.85 28.65 -20.48
CA HIS D 76 6.64 28.26 -21.86
C HIS D 76 5.14 28.06 -22.08
N ARG D 77 4.52 28.98 -22.80
CA ARG D 77 3.10 28.89 -23.13
C ARG D 77 2.95 28.54 -24.61
N SER D 78 2.32 27.41 -24.90
CA SER D 78 2.00 27.00 -26.26
C SER D 78 0.56 26.52 -26.28
N GLY D 79 -0.26 27.13 -27.13
CA GLY D 79 -1.67 26.78 -27.18
C GLY D 79 -2.35 27.16 -25.88
N ASN D 80 -3.09 26.20 -25.30
CA ASN D 80 -3.76 26.39 -24.03
C ASN D 80 -2.95 25.87 -22.85
N GLU D 81 -1.90 25.08 -23.10
CA GLU D 81 -1.07 24.56 -22.02
C GLU D 81 0.00 25.57 -21.64
N VAL D 82 0.40 25.54 -20.37
CA VAL D 82 1.49 26.37 -19.90
C VAL D 82 2.49 25.49 -19.16
N MLY D 83 3.73 25.49 -19.65
CA MLY D 83 4.79 24.73 -19.02
CB MLY D 83 5.58 23.94 -20.07
CG MLY D 83 6.80 23.21 -19.52
CD MLY D 83 7.46 22.27 -20.54
CE MLY D 83 8.07 23.03 -21.70
NZ MLY D 83 9.23 22.37 -22.29
CH1 MLY D 83 9.28 22.60 -23.71
CH2 MLY D 83 10.48 22.78 -21.66
C MLY D 83 5.71 25.65 -18.24
O MLY D 83 6.27 26.60 -18.80
N VAL D 84 5.85 25.40 -16.94
CA VAL D 84 6.74 26.18 -16.10
C VAL D 84 7.93 25.33 -15.68
N VAL D 85 9.14 25.86 -15.88
CA VAL D 85 10.38 25.15 -15.54
C VAL D 85 11.03 25.89 -14.38
N ILE D 86 11.19 25.18 -13.26
CA ILE D 86 11.85 25.74 -12.09
C ILE D 86 13.22 25.11 -11.93
N MLY D 87 14.24 25.93 -11.71
CA MLY D 87 15.62 25.45 -11.60
CB MLY D 87 16.46 25.98 -12.77
CG MLY D 87 16.03 25.48 -14.14
CD MLY D 87 17.10 25.70 -15.21
CE MLY D 87 16.53 25.73 -16.61
NZ MLY D 87 17.32 26.50 -17.55
CH1 MLY D 87 16.76 26.42 -18.88
CH2 MLY D 87 17.47 27.89 -17.15
C MLY D 87 16.28 25.84 -10.28
O MLY D 87 15.92 26.86 -9.68
N GLY D 88 17.24 25.04 -9.85
CA GLY D 88 18.00 25.32 -8.64
C GLY D 88 17.33 24.88 -7.36
N LEU D 89 16.59 23.77 -7.44
CA LEU D 89 15.87 23.25 -6.29
C LEU D 89 16.69 22.18 -5.58
N ASN D 90 16.71 22.24 -4.25
CA ASN D 90 17.22 21.12 -3.48
C ASN D 90 16.09 20.12 -3.25
N ILE D 91 16.38 19.04 -2.53
CA ILE D 91 15.39 17.98 -2.35
C ILE D 91 14.20 18.47 -1.52
N ASP D 92 14.48 19.23 -0.44
CA ASP D 92 13.39 19.77 0.36
C ASP D 92 12.54 20.73 -0.46
N GLU D 93 13.16 21.58 -1.28
CA GLU D 93 12.40 22.48 -2.14
C GLU D 93 11.70 21.74 -3.27
N GLN D 94 12.19 20.56 -3.65
CA GLN D 94 11.52 19.78 -4.67
C GLN D 94 10.19 19.22 -4.17
N VAL D 95 10.16 18.75 -2.92
CA VAL D 95 8.91 18.20 -2.39
C VAL D 95 7.95 19.31 -1.98
N ALA D 96 8.48 20.47 -1.54
CA ALA D 96 7.60 21.57 -1.17
C ALA D 96 6.91 22.15 -2.39
N LEU D 97 7.65 22.33 -3.49
CA LEU D 97 7.04 22.82 -4.72
C LEU D 97 6.02 21.83 -5.25
N TYR D 98 6.34 20.53 -5.21
CA TYR D 98 5.38 19.52 -5.61
C TYR D 98 4.16 19.55 -4.71
N ARG D 99 4.38 19.65 -3.40
CA ARG D 99 3.28 19.65 -2.44
C ARG D 99 2.33 20.83 -2.70
N ALA D 100 2.88 22.00 -3.04
CA ALA D 100 2.05 23.17 -3.29
C ALA D 100 1.31 23.04 -4.62
N VAL D 101 2.00 22.62 -5.68
CA VAL D 101 1.39 22.55 -7.00
C VAL D 101 0.26 21.53 -7.01
N ARG D 102 0.48 20.37 -6.37
CA ARG D 102 -0.58 19.38 -6.29
C ARG D 102 -1.78 19.90 -5.50
N GLU D 103 -1.55 20.72 -4.48
CA GLU D 103 -2.63 21.20 -3.65
C GLU D 103 -3.43 22.32 -4.34
N THR D 104 -2.74 23.35 -4.82
CA THR D 104 -3.43 24.47 -5.44
C THR D 104 -4.16 24.05 -6.71
N SER D 105 -3.62 23.08 -7.45
CA SER D 105 -4.27 22.61 -8.66
C SER D 105 -5.56 21.85 -8.31
N MLY D 106 -5.59 21.27 -7.12
CA MLY D 106 -6.78 20.57 -6.66
CB MLY D 106 -6.44 19.63 -5.50
CG MLY D 106 -7.68 19.00 -4.84
CD MLY D 106 -7.37 17.85 -3.89
CE MLY D 106 -8.62 17.40 -3.15
NZ MLY D 106 -8.52 16.10 -2.51
CH1 MLY D 106 -8.72 15.03 -3.46
CH2 MLY D 106 -7.28 15.92 -1.81
C MLY D 106 -7.87 21.55 -6.24
O MLY D 106 -9.04 21.37 -6.54
N ILE D 107 -7.45 22.61 -5.53
CA ILE D 107 -8.36 23.66 -5.10
C ILE D 107 -9.02 24.31 -6.30
N MET D 108 -8.23 24.52 -7.35
CA MET D 108 -8.71 25.12 -8.59
C MET D 108 -9.37 24.13 -9.54
N GLY D 109 -9.21 22.84 -9.32
CA GLY D 109 -9.71 21.86 -10.26
C GLY D 109 -9.00 21.91 -11.60
N VAL D 110 -7.66 21.94 -11.55
CA VAL D 110 -6.83 22.03 -12.75
C VAL D 110 -5.92 20.81 -12.78
N GLU D 111 -5.74 20.24 -13.98
CA GLU D 111 -4.81 19.13 -14.17
C GLU D 111 -3.39 19.66 -14.24
N THR D 112 -2.48 19.00 -13.53
CA THR D 112 -1.07 19.37 -13.55
C THR D 112 -0.23 18.16 -13.91
N GLU D 113 0.74 18.36 -14.80
CA GLU D 113 1.75 17.37 -15.12
C GLU D 113 3.07 17.84 -14.54
N ILE D 114 3.64 17.05 -13.63
CA ILE D 114 4.86 17.42 -12.90
C ILE D 114 5.93 16.40 -13.21
N GLU D 115 7.12 16.90 -13.58
CA GLU D 115 8.27 16.04 -13.87
C GLU D 115 9.46 16.57 -13.08
N VAL D 116 9.93 15.79 -12.11
CA VAL D 116 11.06 16.17 -11.26
C VAL D 116 12.30 15.45 -11.73
N GLU D 117 13.39 16.20 -11.93
CA GLU D 117 14.64 15.62 -12.41
C GLU D 117 15.79 16.44 -11.85
N GLY D 118 16.52 15.86 -10.90
CA GLY D 118 17.64 16.56 -10.27
C GLY D 118 17.22 17.79 -9.49
N ASP D 119 17.64 18.96 -9.96
CA ASP D 119 17.30 20.24 -9.35
C ASP D 119 16.22 20.98 -10.15
N THR D 120 15.55 20.29 -11.06
CA THR D 120 14.58 20.92 -11.95
C THR D 120 13.22 20.26 -11.80
N GLN D 121 12.19 21.09 -11.64
CA GLN D 121 10.80 20.64 -11.66
C GLN D 121 10.10 21.34 -12.82
N THR D 122 9.48 20.55 -13.70
CA THR D 122 8.76 21.06 -14.85
C THR D 122 7.28 20.77 -14.67
N ILE D 123 6.47 21.82 -14.68
CA ILE D 123 5.06 21.74 -14.35
C ILE D 123 4.26 22.20 -15.56
N VAL D 124 3.25 21.42 -15.94
CA VAL D 124 2.36 21.75 -17.05
C VAL D 124 0.97 21.97 -16.48
N VAL D 125 0.44 23.18 -16.67
CA VAL D 125 -0.88 23.57 -16.18
C VAL D 125 -1.84 23.56 -17.36
N ARG D 126 -2.93 22.81 -17.23
CA ARG D 126 -3.86 22.55 -18.34
C ARG D 126 -5.25 23.02 -17.97
N GLU D 127 -5.74 24.05 -18.66
CA GLU D 127 -7.13 24.49 -18.56
C GLU D 127 -7.46 25.50 -19.64
C1 MPD E . -19.96 -26.71 5.42
C2 MPD E . -21.14 -27.52 4.89
O2 MPD E . -22.16 -26.59 4.58
CM MPD E . -21.63 -28.48 5.98
C3 MPD E . -20.69 -28.28 3.63
C4 MPD E . -21.71 -28.34 2.50
O4 MPD E . -21.11 -27.77 1.33
C5 MPD E . -22.17 -29.77 2.24
#